data_3Q6K
#
_entry.id   3Q6K
#
_cell.length_a   120.012
_cell.length_b   120.012
_cell.length_c   244.747
_cell.angle_alpha   90.00
_cell.angle_beta   90.00
_cell.angle_gamma   120.00
#
_symmetry.space_group_name_H-M   'P 62 2 2'
#
loop_
_entity.id
_entity.type
_entity.pdbx_description
1 polymer '43.2 kDa salivary protein'
2 non-polymer 'CITRIC ACID'
3 non-polymer SEROTONIN
4 water water
#
_entity_poly.entity_id   1
_entity_poly.type   'polypeptide(L)'
_entity_poly.pdbx_seq_one_letter_code
;ADTQGYKWKQLLYNNVTPGSYNPDNMISTAFAYDAEGEKLFLAVPRKLPRVPYTLAEVDTKNSLGVKGKHSPLLNKFSGH
KTGKELTSIYQPVIDDCRRLWVVDIGSVEYRSRGAKDYPSHRPAIVAYDLKQPNYPEVVRYYFPTRLVEKPTYFGGFAVD
VANPKGDCSETFVYITNFLRGALFIYDHKKQDSWNVTHPTFKAERPTKFDYGGKEYEFKAGIFGITLGDRDSEGNRPAYY
LAGSAIKVYSVNTKELKQKGGKLNPELLGNRGKYNDAIALAYDPKTKVIFFAEANTKQVSCWNTQKMPLRMKNTDVVYTS
SRFVFGTDISVDSKGGLWFMSNGFPPIRKSEKFKYDFPRYRLMRIMDTQEAIAGTACDMNA
;
_entity_poly.pdbx_strand_id   A,B
#
loop_
_chem_comp.id
_chem_comp.type
_chem_comp.name
_chem_comp.formula
CIT non-polymer 'CITRIC ACID' 'C6 H8 O7'
SRO non-polymer SEROTONIN 'C10 H12 N2 O'
#
# COMPACT_ATOMS: atom_id res chain seq x y z
N ALA A 1 11.10 14.60 -15.67
CA ALA A 1 10.30 15.01 -14.49
C ALA A 1 9.53 16.29 -14.81
N ASP A 2 10.09 17.08 -15.73
CA ASP A 2 9.39 18.19 -16.40
C ASP A 2 8.26 17.65 -17.24
N THR A 3 7.18 18.42 -17.33
CA THR A 3 6.09 18.09 -18.22
C THR A 3 5.72 19.28 -19.04
N GLN A 4 5.23 19.00 -20.24
CA GLN A 4 4.46 19.98 -21.02
C GLN A 4 3.09 19.36 -21.22
N GLY A 5 2.08 20.20 -21.46
CA GLY A 5 0.73 19.70 -21.73
C GLY A 5 -0.43 20.66 -21.52
N TYR A 6 -1.64 20.12 -21.55
CA TYR A 6 -2.85 20.91 -21.48
C TYR A 6 -3.63 20.74 -20.19
N LYS A 7 -4.41 21.76 -19.86
CA LYS A 7 -5.32 21.76 -18.71
C LYS A 7 -6.64 22.46 -19.07
N TRP A 8 -7.77 21.83 -18.80
CA TRP A 8 -9.04 22.50 -19.06
C TRP A 8 -9.98 22.50 -17.85
N LYS A 9 -10.49 23.67 -17.48
CA LYS A 9 -11.64 23.77 -16.57
C LYS A 9 -12.85 23.10 -17.22
N GLN A 10 -13.04 23.37 -18.50
CA GLN A 10 -14.13 22.82 -19.27
C GLN A 10 -13.62 22.58 -20.66
N LEU A 11 -14.16 21.56 -21.31
CA LEU A 11 -13.79 21.21 -22.65
C LEU A 11 -14.72 21.96 -23.59
N LEU A 12 -14.20 23.06 -24.14
CA LEU A 12 -14.97 23.90 -25.04
C LEU A 12 -14.69 23.51 -26.49
N TYR A 13 -15.67 23.68 -27.37
CA TYR A 13 -15.49 23.32 -28.76
C TYR A 13 -15.36 24.52 -29.67
N ASN A 14 -14.48 24.40 -30.66
CA ASN A 14 -14.39 25.37 -31.73
C ASN A 14 -15.53 25.19 -32.73
N ASN A 15 -16.11 26.31 -33.18
CA ASN A 15 -17.18 26.32 -34.19
C ASN A 15 -18.43 25.51 -33.82
N VAL A 16 -18.88 25.69 -32.60
CA VAL A 16 -20.13 25.11 -32.15
C VAL A 16 -20.80 26.26 -31.42
N THR A 17 -22.03 26.59 -31.83
CA THR A 17 -22.78 27.70 -31.25
C THR A 17 -22.66 27.69 -29.71
N PRO A 18 -22.14 28.78 -29.13
CA PRO A 18 -22.15 28.85 -27.67
C PRO A 18 -23.58 28.71 -27.15
N GLY A 19 -23.74 27.90 -26.10
CA GLY A 19 -25.01 27.75 -25.40
C GLY A 19 -25.83 26.57 -25.88
N SER A 20 -25.38 25.94 -26.96
CA SER A 20 -26.08 24.79 -27.51
C SER A 20 -25.61 23.47 -26.91
N TYR A 21 -24.79 23.57 -25.85
CA TYR A 21 -24.36 22.43 -25.01
C TYR A 21 -23.80 23.01 -23.70
N ASN A 22 -23.85 22.22 -22.64
CA ASN A 22 -23.25 22.63 -21.37
C ASN A 22 -21.80 22.15 -21.29
N PRO A 23 -20.85 23.09 -21.19
CA PRO A 23 -19.41 22.67 -21.18
C PRO A 23 -19.02 21.81 -19.98
N ASP A 24 -19.76 21.83 -18.88
CA ASP A 24 -19.44 20.92 -17.78
C ASP A 24 -19.82 19.45 -18.08
N ASN A 25 -20.70 19.23 -19.06
CA ASN A 25 -21.11 17.86 -19.46
C ASN A 25 -20.18 17.17 -20.45
N MET A 26 -19.23 17.92 -20.99
CA MET A 26 -18.26 17.35 -21.92
C MET A 26 -17.13 16.70 -21.10
N ILE A 27 -17.20 15.39 -20.94
CA ILE A 27 -16.26 14.71 -20.10
C ILE A 27 -15.36 13.78 -20.89
N SER A 28 -14.09 14.14 -21.00
CA SER A 28 -13.17 13.29 -21.73
C SER A 28 -12.60 12.19 -20.85
N THR A 29 -12.54 10.99 -21.40
CA THR A 29 -12.20 9.80 -20.62
C THR A 29 -10.89 9.23 -21.14
N ALA A 30 -10.42 9.73 -22.27
CA ALA A 30 -9.26 9.16 -22.95
C ALA A 30 -8.67 10.04 -24.04
N PHE A 31 -7.42 9.78 -24.38
CA PHE A 31 -6.80 10.51 -25.48
C PHE A 31 -5.93 9.56 -26.31
N ALA A 32 -5.38 10.07 -27.40
CA ALA A 32 -4.29 9.40 -28.14
C ALA A 32 -3.56 10.51 -28.90
N TYR A 33 -2.24 10.54 -28.76
CA TYR A 33 -1.42 11.50 -29.47
C TYR A 33 -0.71 10.82 -30.64
N ASP A 34 -0.82 11.47 -31.79
CA ASP A 34 -0.12 11.07 -33.01
C ASP A 34 1.10 11.97 -33.09
N ALA A 35 2.27 11.40 -32.80
CA ALA A 35 3.46 12.22 -32.74
C ALA A 35 3.90 12.72 -34.13
N GLU A 36 3.86 11.85 -35.15
CA GLU A 36 4.25 12.23 -36.53
C GLU A 36 3.40 13.39 -37.07
N GLY A 37 2.10 13.38 -36.76
CA GLY A 37 1.15 14.35 -37.30
C GLY A 37 0.94 15.58 -36.43
N GLU A 38 1.58 15.57 -35.26
CA GLU A 38 1.34 16.58 -34.21
C GLU A 38 -0.17 16.78 -33.91
N LYS A 39 -0.90 15.65 -33.80
CA LYS A 39 -2.35 15.68 -33.56
C LYS A 39 -2.74 14.98 -32.27
N LEU A 40 -3.69 15.59 -31.56
CA LEU A 40 -4.23 15.00 -30.34
C LEU A 40 -5.70 14.63 -30.53
N PHE A 41 -6.03 13.39 -30.17
CA PHE A 41 -7.40 12.92 -30.24
C PHE A 41 -7.94 12.67 -28.85
N LEU A 42 -9.16 13.12 -28.61
CA LEU A 42 -9.78 13.03 -27.31
C LEU A 42 -11.13 12.33 -27.45
N ALA A 43 -11.34 11.33 -26.60
CA ALA A 43 -12.63 10.68 -26.47
C ALA A 43 -13.48 11.49 -25.50
N VAL A 44 -14.65 11.92 -25.99
CA VAL A 44 -15.69 12.54 -25.18
C VAL A 44 -16.98 11.71 -25.39
N PRO A 45 -17.20 10.67 -24.58
CA PRO A 45 -18.38 9.82 -24.78
C PRO A 45 -19.73 10.56 -24.62
N ARG A 46 -20.75 10.09 -25.32
CA ARG A 46 -22.02 10.79 -25.21
C ARG A 46 -22.79 10.26 -24.00
N LYS A 47 -22.25 10.60 -22.85
CA LYS A 47 -22.72 10.12 -21.56
C LYS A 47 -23.82 11.05 -21.12
N LEU A 48 -23.61 12.33 -21.44
CA LEU A 48 -24.52 13.40 -21.10
C LEU A 48 -24.95 14.11 -22.39
N PRO A 49 -26.03 14.90 -22.32
CA PRO A 49 -26.59 15.41 -23.57
C PRO A 49 -25.73 16.45 -24.26
N ARG A 50 -25.85 16.46 -25.59
CA ARG A 50 -25.42 17.55 -26.47
C ARG A 50 -23.94 17.56 -26.76
N VAL A 51 -23.30 16.40 -26.76
CA VAL A 51 -21.89 16.32 -27.13
C VAL A 51 -21.78 16.45 -28.65
N PRO A 52 -21.18 17.55 -29.13
CA PRO A 52 -21.12 17.82 -30.56
C PRO A 52 -20.22 16.86 -31.34
N TYR A 53 -19.10 16.45 -30.74
CA TYR A 53 -18.16 15.52 -31.37
C TYR A 53 -17.61 14.59 -30.30
N THR A 54 -17.85 13.29 -30.48
CA THR A 54 -17.42 12.28 -29.53
C THR A 54 -15.93 11.89 -29.74
N LEU A 55 -15.49 12.01 -30.99
CA LEU A 55 -14.07 11.98 -31.34
C LEU A 55 -13.64 13.41 -31.66
N ALA A 56 -12.79 14.00 -30.84
CA ALA A 56 -12.42 15.40 -31.03
C ALA A 56 -10.92 15.48 -31.28
N GLU A 57 -10.49 16.44 -32.09
CA GLU A 57 -9.05 16.61 -32.30
C GLU A 57 -8.51 18.01 -31.97
N VAL A 58 -7.26 18.07 -31.53
CA VAL A 58 -6.56 19.36 -31.50
C VAL A 58 -5.20 19.29 -32.18
N ASP A 59 -4.88 20.33 -32.94
CA ASP A 59 -3.55 20.53 -33.50
C ASP A 59 -2.61 21.08 -32.42
N THR A 60 -1.63 20.27 -32.04
CA THR A 60 -0.69 20.58 -30.96
C THR A 60 0.54 21.37 -31.42
N LYS A 61 0.64 21.62 -32.72
CA LYS A 61 1.75 22.34 -33.36
C LYS A 61 1.96 23.71 -32.73
N ASN A 62 0.96 24.58 -32.86
CA ASN A 62 0.92 25.86 -32.14
C ASN A 62 1.18 25.63 -30.64
N SER A 63 0.28 24.87 -30.01
CA SER A 63 0.00 24.93 -28.57
C SER A 63 1.01 24.28 -27.64
N LEU A 64 1.30 23.00 -27.87
CA LEU A 64 2.05 22.21 -26.89
C LEU A 64 3.30 22.94 -26.43
N GLY A 65 3.43 23.08 -25.11
CA GLY A 65 4.62 23.71 -24.50
C GLY A 65 4.71 25.23 -24.62
N VAL A 66 3.73 25.82 -25.32
CA VAL A 66 3.71 27.27 -25.54
C VAL A 66 2.87 27.97 -24.47
N LYS A 67 3.52 28.88 -23.75
CA LYS A 67 2.88 29.61 -22.66
C LYS A 67 1.68 30.40 -23.18
N GLY A 68 0.53 30.20 -22.54
CA GLY A 68 -0.73 30.89 -22.89
C GLY A 68 -1.73 30.02 -23.63
N LYS A 69 -1.26 28.92 -24.21
CA LYS A 69 -2.09 28.02 -25.02
C LYS A 69 -2.36 26.68 -24.29
N HIS A 70 -2.60 26.72 -22.98
CA HIS A 70 -2.82 25.50 -22.20
C HIS A 70 -4.20 24.83 -22.34
N SER A 71 -5.18 25.54 -22.91
CA SER A 71 -6.54 25.03 -23.07
C SER A 71 -7.05 25.15 -24.51
N PRO A 72 -6.50 24.35 -25.44
CA PRO A 72 -6.97 24.46 -26.81
C PRO A 72 -8.46 24.08 -26.93
N LEU A 73 -9.15 24.69 -27.90
CA LEU A 73 -10.54 24.34 -28.19
C LEU A 73 -10.58 23.01 -28.89
N LEU A 74 -11.62 22.24 -28.64
CA LEU A 74 -11.74 20.96 -29.31
C LEU A 74 -12.33 21.13 -30.69
N ASN A 75 -11.83 20.38 -31.66
CA ASN A 75 -12.40 20.44 -33.01
C ASN A 75 -13.05 19.11 -33.41
N LYS A 76 -13.94 19.17 -34.39
CA LYS A 76 -14.41 17.99 -35.08
C LYS A 76 -13.24 17.15 -35.63
N PHE A 77 -13.36 15.82 -35.55
CA PHE A 77 -12.40 14.92 -36.15
C PHE A 77 -12.31 15.21 -37.65
N SER A 78 -11.09 15.37 -38.14
CA SER A 78 -10.88 15.77 -39.53
C SER A 78 -11.42 14.77 -40.52
N GLY A 79 -11.53 13.51 -40.10
CA GLY A 79 -12.15 12.48 -40.94
C GLY A 79 -13.68 12.45 -40.86
N HIS A 80 -14.29 13.47 -40.26
CA HIS A 80 -15.74 13.50 -40.10
C HIS A 80 -16.39 14.74 -40.71
N LYS A 81 -17.64 14.60 -41.13
CA LYS A 81 -18.41 15.72 -41.64
C LYS A 81 -19.35 16.31 -40.60
N THR A 82 -20.18 15.47 -39.99
CA THR A 82 -21.27 15.97 -39.13
C THR A 82 -20.98 15.80 -37.64
N GLY A 83 -20.40 14.66 -37.28
CA GLY A 83 -20.27 14.28 -35.88
C GLY A 83 -21.13 13.09 -35.52
N LYS A 84 -21.93 12.62 -36.49
CA LYS A 84 -22.80 11.46 -36.29
C LYS A 84 -22.17 10.17 -36.82
N GLU A 85 -20.92 10.24 -37.28
CA GLU A 85 -20.26 9.05 -37.84
C GLU A 85 -19.82 8.10 -36.76
N LEU A 86 -19.66 8.63 -35.57
CA LEU A 86 -19.44 7.81 -34.39
C LEU A 86 -20.46 8.30 -33.41
N THR A 87 -21.09 7.35 -32.70
CA THR A 87 -22.16 7.67 -31.77
C THR A 87 -21.56 8.07 -30.42
N SER A 88 -20.81 7.15 -29.79
CA SER A 88 -20.14 7.42 -28.53
C SER A 88 -18.90 6.56 -28.38
N ILE A 89 -17.78 7.20 -28.04
CA ILE A 89 -16.54 6.46 -27.79
C ILE A 89 -15.90 6.80 -26.45
N TYR A 90 -15.17 5.85 -25.90
CA TYR A 90 -14.51 5.99 -24.61
C TYR A 90 -12.98 6.06 -24.68
N GLN A 91 -12.39 5.61 -25.79
CA GLN A 91 -10.94 5.41 -25.86
C GLN A 91 -10.40 5.37 -27.28
N PRO A 92 -9.43 6.25 -27.61
CA PRO A 92 -8.75 6.14 -28.92
C PRO A 92 -7.38 5.49 -28.76
N VAL A 93 -7.01 4.62 -29.71
CA VAL A 93 -5.70 3.98 -29.68
C VAL A 93 -5.06 4.02 -31.06
N ILE A 94 -3.79 4.41 -31.07
CA ILE A 94 -2.98 4.46 -32.29
C ILE A 94 -2.00 3.31 -32.28
N ASP A 95 -2.09 2.48 -33.34
CA ASP A 95 -1.23 1.33 -33.54
C ASP A 95 0.11 1.70 -34.19
N ASP A 96 0.86 0.65 -34.52
CA ASP A 96 2.19 0.71 -35.12
C ASP A 96 2.16 1.25 -36.57
N CYS A 97 1.00 1.12 -37.23
CA CYS A 97 0.82 1.58 -38.62
C CYS A 97 0.16 2.96 -38.74
N ARG A 98 0.08 3.70 -37.63
CA ARG A 98 -0.62 5.00 -37.55
C ARG A 98 -2.08 4.91 -37.98
N ARG A 99 -2.73 3.82 -37.59
CA ARG A 99 -4.18 3.71 -37.68
C ARG A 99 -4.80 4.07 -36.34
N LEU A 100 -5.80 4.95 -36.39
CA LEU A 100 -6.52 5.39 -35.19
C LEU A 100 -7.73 4.48 -34.96
N TRP A 101 -7.68 3.73 -33.87
CA TRP A 101 -8.77 2.83 -33.51
C TRP A 101 -9.64 3.41 -32.39
N VAL A 102 -10.95 3.35 -32.57
CA VAL A 102 -11.89 3.69 -31.52
C VAL A 102 -12.88 2.53 -31.39
N VAL A 103 -13.61 2.49 -30.28
CA VAL A 103 -14.68 1.52 -30.11
C VAL A 103 -15.99 2.30 -29.91
N ASP A 104 -16.79 2.42 -30.98
CA ASP A 104 -18.11 3.03 -30.87
C ASP A 104 -18.97 2.07 -30.07
N ILE A 105 -19.45 2.51 -28.91
CA ILE A 105 -20.27 1.58 -28.15
C ILE A 105 -21.71 1.48 -28.69
N GLY A 106 -22.11 2.46 -29.48
CA GLY A 106 -23.30 2.34 -30.32
C GLY A 106 -24.58 2.97 -29.85
N SER A 107 -24.60 3.44 -28.60
CA SER A 107 -25.73 4.22 -28.12
C SER A 107 -25.25 5.29 -27.16
N VAL A 108 -26.06 6.32 -26.96
CA VAL A 108 -25.78 7.37 -25.99
C VAL A 108 -26.34 6.92 -24.64
N GLU A 109 -25.96 7.60 -23.55
CA GLU A 109 -26.23 7.12 -22.20
C GLU A 109 -27.18 7.95 -21.39
N TYR A 110 -27.94 8.79 -22.07
CA TYR A 110 -28.98 9.64 -21.46
C TYR A 110 -30.27 9.49 -22.30
N ARG A 111 -31.40 9.96 -21.79
CA ARG A 111 -32.68 9.90 -22.51
C ARG A 111 -33.29 11.28 -22.73
N SER A 112 -33.89 11.47 -23.90
CA SER A 112 -34.39 12.78 -24.35
C SER A 112 -33.23 13.76 -24.58
N ARG A 113 -33.56 15.05 -24.53
CA ARG A 113 -32.56 16.12 -24.62
C ARG A 113 -31.62 15.94 -25.85
N GLY A 114 -32.20 15.54 -26.99
CA GLY A 114 -31.48 15.38 -28.26
C GLY A 114 -30.94 13.99 -28.57
N ALA A 115 -31.26 13.02 -27.71
CA ALA A 115 -30.88 11.62 -27.89
C ALA A 115 -31.30 11.00 -29.24
N LYS A 116 -32.37 11.53 -29.83
CA LYS A 116 -32.83 11.11 -31.16
C LYS A 116 -31.82 11.48 -32.26
N ASP A 117 -31.00 12.51 -32.00
CA ASP A 117 -30.00 12.97 -32.96
C ASP A 117 -28.91 11.95 -33.14
N TYR A 118 -28.84 10.98 -32.24
CA TYR A 118 -27.80 9.95 -32.27
C TYR A 118 -28.41 8.55 -32.20
N PRO A 119 -29.05 8.11 -33.30
CA PRO A 119 -29.77 6.83 -33.30
C PRO A 119 -28.82 5.68 -33.03
N SER A 120 -29.32 4.73 -32.26
CA SER A 120 -28.57 3.56 -31.82
C SER A 120 -28.22 2.65 -32.95
N HIS A 121 -27.25 1.79 -32.69
CA HIS A 121 -26.84 0.71 -33.57
C HIS A 121 -25.93 -0.19 -32.76
N ARG A 122 -25.41 -1.21 -33.42
CA ARG A 122 -24.62 -2.22 -32.73
C ARG A 122 -23.22 -1.67 -32.54
N PRO A 123 -22.56 -2.07 -31.43
CA PRO A 123 -21.21 -1.62 -31.14
C PRO A 123 -20.28 -1.88 -32.32
N ALA A 124 -19.32 -1.00 -32.56
CA ALA A 124 -18.43 -1.17 -33.68
C ALA A 124 -17.00 -0.81 -33.33
N ILE A 125 -16.05 -1.60 -33.86
CA ILE A 125 -14.63 -1.23 -33.87
C ILE A 125 -14.35 -0.54 -35.19
N VAL A 126 -13.81 0.66 -35.12
CA VAL A 126 -13.66 1.51 -36.29
C VAL A 126 -12.24 2.01 -36.31
N ALA A 127 -11.66 2.11 -37.51
CA ALA A 127 -10.28 2.59 -37.65
C ALA A 127 -10.11 3.55 -38.81
N TYR A 128 -9.29 4.56 -38.56
CA TYR A 128 -9.07 5.60 -39.54
C TYR A 128 -7.59 5.61 -39.81
N ASP A 129 -7.23 5.98 -41.04
CA ASP A 129 -5.84 5.98 -41.44
C ASP A 129 -5.30 7.41 -41.36
N LEU A 130 -4.50 7.67 -40.34
CA LEU A 130 -3.87 8.96 -40.16
C LEU A 130 -2.82 9.28 -41.23
N LYS A 131 -2.26 8.25 -41.86
CA LYS A 131 -1.28 8.45 -42.90
C LYS A 131 -1.89 9.19 -44.10
N GLN A 132 -3.06 8.74 -44.56
CA GLN A 132 -3.75 9.46 -45.64
C GLN A 132 -4.55 10.63 -45.09
N PRO A 133 -4.59 11.75 -45.81
CA PRO A 133 -5.56 12.78 -45.45
C PRO A 133 -6.87 12.62 -46.27
N ASN A 134 -8.00 13.04 -45.71
CA ASN A 134 -8.09 13.46 -44.34
C ASN A 134 -8.76 12.34 -43.55
N TYR A 135 -7.92 11.40 -43.15
CA TYR A 135 -8.28 10.33 -42.24
C TYR A 135 -9.46 9.47 -42.69
N PRO A 136 -9.29 8.72 -43.79
CA PRO A 136 -10.39 7.85 -44.22
C PRO A 136 -10.59 6.59 -43.36
N GLU A 137 -11.85 6.18 -43.22
CA GLU A 137 -12.19 4.94 -42.51
C GLU A 137 -11.71 3.69 -43.26
N VAL A 138 -10.82 2.92 -42.62
CA VAL A 138 -10.25 1.71 -43.22
C VAL A 138 -10.70 0.39 -42.54
N VAL A 139 -11.27 0.48 -41.34
CA VAL A 139 -11.86 -0.68 -40.67
C VAL A 139 -13.22 -0.29 -40.09
N ARG A 140 -14.24 -1.13 -40.29
CA ARG A 140 -15.52 -0.95 -39.62
C ARG A 140 -16.18 -2.30 -39.34
N TYR A 141 -16.02 -2.79 -38.11
CA TYR A 141 -16.57 -4.10 -37.76
C TYR A 141 -17.66 -3.98 -36.72
N TYR A 142 -18.83 -4.52 -37.05
CA TYR A 142 -19.94 -4.58 -36.10
C TYR A 142 -19.89 -5.86 -35.27
N PHE A 143 -20.16 -5.72 -33.97
CA PHE A 143 -20.35 -6.84 -33.06
C PHE A 143 -21.56 -7.66 -33.51
N PRO A 144 -21.40 -8.98 -33.63
CA PRO A 144 -22.59 -9.81 -33.78
C PRO A 144 -23.39 -9.81 -32.47
N THR A 145 -24.71 -9.61 -32.57
CA THR A 145 -25.62 -9.50 -31.41
C THR A 145 -25.40 -10.56 -30.34
N ARG A 146 -24.98 -11.76 -30.75
CA ARG A 146 -24.70 -12.87 -29.83
C ARG A 146 -23.61 -12.55 -28.80
N LEU A 147 -22.77 -11.55 -29.11
CA LEU A 147 -21.61 -11.25 -28.27
C LEU A 147 -21.71 -9.97 -27.43
N VAL A 148 -22.66 -9.10 -27.74
CA VAL A 148 -22.89 -7.91 -26.91
C VAL A 148 -22.99 -8.34 -25.44
N GLU A 149 -22.18 -7.71 -24.58
CA GLU A 149 -22.25 -7.92 -23.12
C GLU A 149 -21.88 -6.63 -22.37
N LYS A 150 -22.88 -5.74 -22.25
CA LYS A 150 -22.74 -4.46 -21.53
C LYS A 150 -21.65 -3.52 -22.09
N PRO A 151 -21.83 -3.03 -23.34
CA PRO A 151 -20.83 -2.24 -24.08
C PRO A 151 -20.39 -0.92 -23.43
N THR A 152 -21.26 -0.42 -22.55
CA THR A 152 -21.01 0.78 -21.77
C THR A 152 -19.84 0.62 -20.77
N TYR A 153 -19.43 -0.61 -20.52
CA TYR A 153 -18.34 -0.87 -19.58
C TYR A 153 -17.04 -1.32 -20.23
N PHE A 154 -16.84 -0.90 -21.47
CA PHE A 154 -15.60 -1.16 -22.19
C PHE A 154 -14.53 -0.19 -21.69
N GLY A 155 -13.36 -0.73 -21.36
CA GLY A 155 -12.27 0.09 -20.86
C GLY A 155 -11.18 0.17 -21.91
N GLY A 156 -9.95 0.03 -21.48
CA GLY A 156 -8.84 0.12 -22.42
C GLY A 156 -8.87 -1.02 -23.44
N PHE A 157 -8.23 -0.79 -24.58
CA PHE A 157 -7.95 -1.88 -25.50
C PHE A 157 -6.55 -1.78 -26.10
N ALA A 158 -6.13 -2.88 -26.73
CA ALA A 158 -4.85 -2.95 -27.42
C ALA A 158 -5.04 -3.47 -28.82
N VAL A 159 -4.24 -2.91 -29.72
CA VAL A 159 -4.22 -3.30 -31.10
C VAL A 159 -2.94 -4.10 -31.35
N ASP A 160 -3.10 -5.36 -31.72
CA ASP A 160 -1.99 -6.27 -31.92
C ASP A 160 -1.78 -6.44 -33.41
N VAL A 161 -0.76 -5.77 -33.93
CA VAL A 161 -0.43 -5.87 -35.37
C VAL A 161 0.71 -6.88 -35.59
N ALA A 162 0.37 -8.08 -36.06
CA ALA A 162 1.36 -9.10 -36.39
C ALA A 162 2.34 -8.64 -37.49
N ASN A 163 1.82 -8.06 -38.57
CA ASN A 163 2.65 -7.61 -39.70
C ASN A 163 2.80 -6.08 -39.87
N PRO A 164 3.49 -5.38 -38.94
CA PRO A 164 3.57 -3.92 -39.03
C PRO A 164 4.26 -3.37 -40.28
N LYS A 165 5.00 -4.21 -40.99
CA LYS A 165 5.72 -3.77 -42.20
C LYS A 165 5.04 -4.20 -43.51
N GLY A 166 4.02 -5.06 -43.39
CA GLY A 166 3.16 -5.43 -44.53
C GLY A 166 1.96 -4.51 -44.68
N ASP A 167 0.80 -5.09 -45.00
CA ASP A 167 -0.45 -4.35 -45.19
C ASP A 167 -1.19 -4.10 -43.86
N CYS A 168 -0.58 -4.56 -42.78
CA CYS A 168 -1.07 -4.33 -41.41
C CYS A 168 -2.43 -4.99 -41.11
N SER A 169 -2.79 -6.02 -41.88
CA SER A 169 -4.11 -6.65 -41.79
C SER A 169 -4.19 -7.81 -40.79
N GLU A 170 -3.04 -8.34 -40.39
CA GLU A 170 -3.00 -9.47 -39.46
C GLU A 170 -2.96 -8.90 -38.06
N THR A 171 -4.15 -8.55 -37.61
CA THR A 171 -4.31 -7.60 -36.54
C THR A 171 -5.37 -8.11 -35.57
N PHE A 172 -5.04 -8.10 -34.28
CA PHE A 172 -5.98 -8.48 -33.25
C PHE A 172 -6.27 -7.32 -32.32
N VAL A 173 -7.52 -7.23 -31.89
CA VAL A 173 -7.94 -6.21 -30.96
C VAL A 173 -8.52 -6.87 -29.70
N TYR A 174 -7.92 -6.54 -28.54
CA TYR A 174 -8.41 -7.01 -27.26
C TYR A 174 -9.01 -5.85 -26.48
N ILE A 175 -10.31 -5.92 -26.22
CA ILE A 175 -11.03 -4.84 -25.55
C ILE A 175 -11.48 -5.28 -24.18
N THR A 176 -11.07 -4.54 -23.14
CA THR A 176 -11.46 -4.85 -21.77
C THR A 176 -12.89 -4.44 -21.46
N ASN A 177 -13.51 -5.14 -20.51
CA ASN A 177 -14.81 -4.77 -19.97
C ASN A 177 -14.71 -4.89 -18.46
N PHE A 178 -14.92 -3.79 -17.74
CA PHE A 178 -14.64 -3.81 -16.30
C PHE A 178 -15.82 -4.22 -15.42
N LEU A 179 -17.01 -4.30 -15.99
CA LEU A 179 -18.11 -4.91 -15.28
C LEU A 179 -17.96 -6.43 -15.33
N ARG A 180 -18.01 -6.97 -16.56
CA ARG A 180 -18.08 -8.41 -16.78
C ARG A 180 -16.77 -9.17 -16.44
N GLY A 181 -15.72 -8.43 -16.08
CA GLY A 181 -14.37 -9.00 -16.04
C GLY A 181 -14.17 -9.85 -17.29
N ALA A 182 -14.17 -9.19 -18.45
CA ALA A 182 -14.18 -9.90 -19.74
C ALA A 182 -13.28 -9.23 -20.79
N LEU A 183 -12.71 -10.05 -21.66
CA LEU A 183 -12.00 -9.57 -22.85
C LEU A 183 -12.76 -9.98 -24.08
N PHE A 184 -13.13 -8.99 -24.89
CA PHE A 184 -13.68 -9.23 -26.21
C PHE A 184 -12.52 -9.27 -27.20
N ILE A 185 -12.43 -10.35 -27.97
CA ILE A 185 -11.31 -10.56 -28.86
C ILE A 185 -11.76 -10.50 -30.31
N TYR A 186 -11.09 -9.66 -31.08
CA TYR A 186 -11.44 -9.45 -32.47
C TYR A 186 -10.31 -9.85 -33.39
N ASP A 187 -10.59 -10.81 -34.26
CA ASP A 187 -9.66 -11.25 -35.31
C ASP A 187 -9.98 -10.48 -36.59
N HIS A 188 -9.12 -9.52 -36.93
CA HIS A 188 -9.39 -8.71 -38.13
C HIS A 188 -9.26 -9.51 -39.42
N LYS A 189 -8.27 -10.40 -39.48
CA LYS A 189 -8.08 -11.28 -40.65
C LYS A 189 -9.28 -12.16 -40.98
N LYS A 190 -9.78 -12.88 -39.97
CA LYS A 190 -10.93 -13.78 -40.13
C LYS A 190 -12.26 -13.02 -40.12
N GLN A 191 -12.25 -11.76 -39.66
CA GLN A 191 -13.48 -10.99 -39.46
C GLN A 191 -14.40 -11.73 -38.49
N ASP A 192 -13.82 -12.19 -37.39
CA ASP A 192 -14.51 -12.99 -36.39
C ASP A 192 -14.17 -12.45 -35.00
N SER A 193 -15.09 -12.62 -34.07
CA SER A 193 -14.86 -12.21 -32.70
C SER A 193 -15.50 -13.18 -31.71
N TRP A 194 -15.01 -13.12 -30.48
CA TRP A 194 -15.55 -13.92 -29.37
C TRP A 194 -15.21 -13.27 -28.03
N ASN A 195 -15.97 -13.64 -27.01
CA ASN A 195 -15.76 -13.15 -25.65
C ASN A 195 -15.02 -14.17 -24.80
N VAL A 196 -14.18 -13.69 -23.90
CA VAL A 196 -13.50 -14.57 -22.95
C VAL A 196 -13.49 -14.01 -21.52
N THR A 197 -13.82 -14.88 -20.57
CA THR A 197 -13.89 -14.52 -19.16
C THR A 197 -12.90 -15.36 -18.36
N HIS A 198 -12.36 -14.78 -17.29
CA HIS A 198 -11.42 -15.49 -16.42
C HIS A 198 -11.50 -14.89 -15.02
N PRO A 199 -11.49 -15.75 -13.97
CA PRO A 199 -11.54 -15.26 -12.58
C PRO A 199 -10.48 -14.19 -12.31
N THR A 200 -9.45 -14.18 -13.14
CA THR A 200 -8.33 -13.25 -13.04
C THR A 200 -8.72 -11.82 -13.47
N PHE A 201 -9.76 -11.72 -14.31
CA PHE A 201 -10.20 -10.43 -14.83
C PHE A 201 -11.03 -9.65 -13.83
N LYS A 202 -11.26 -10.23 -12.65
CA LYS A 202 -12.22 -9.68 -11.71
C LYS A 202 -11.57 -8.80 -10.65
N ALA A 203 -12.37 -7.87 -10.11
CA ALA A 203 -11.96 -7.01 -9.02
C ALA A 203 -11.53 -7.80 -7.79
N GLU A 204 -10.63 -7.20 -7.01
CA GLU A 204 -10.18 -7.74 -5.74
C GLU A 204 -11.01 -7.11 -4.63
N ARG A 205 -10.49 -6.04 -4.06
CA ARG A 205 -11.18 -5.28 -3.04
C ARG A 205 -11.64 -4.00 -3.73
N PRO A 206 -12.76 -3.40 -3.25
CA PRO A 206 -13.17 -2.13 -3.82
C PRO A 206 -12.09 -1.05 -3.71
N THR A 207 -12.03 -0.18 -4.71
CA THR A 207 -11.08 0.93 -4.75
C THR A 207 -11.62 2.09 -3.92
N LYS A 208 -10.76 2.72 -3.12
CA LYS A 208 -11.18 3.89 -2.32
C LYS A 208 -10.77 5.20 -3.03
N PHE A 209 -11.72 6.12 -3.13
CA PHE A 209 -11.48 7.38 -3.85
C PHE A 209 -11.95 8.58 -3.03
N ASP A 210 -11.02 9.48 -2.72
CA ASP A 210 -11.33 10.67 -1.93
C ASP A 210 -11.85 11.83 -2.78
N TYR A 211 -13.08 12.26 -2.52
CA TYR A 211 -13.60 13.48 -3.13
C TYR A 211 -14.25 14.35 -2.06
N GLY A 212 -14.03 15.66 -2.15
CA GLY A 212 -14.63 16.63 -1.25
C GLY A 212 -14.66 16.19 0.21
N GLY A 213 -13.52 15.68 0.68
CA GLY A 213 -13.36 15.31 2.09
C GLY A 213 -14.04 14.02 2.50
N LYS A 214 -14.65 13.33 1.55
CA LYS A 214 -15.31 12.05 1.82
C LYS A 214 -14.62 10.89 1.11
N GLU A 215 -14.95 9.68 1.54
CA GLU A 215 -14.35 8.50 0.96
C GLU A 215 -15.41 7.75 0.17
N TYR A 216 -15.22 7.69 -1.14
CA TYR A 216 -16.10 6.94 -2.04
C TYR A 216 -15.42 5.64 -2.43
N GLU A 217 -16.10 4.86 -3.26
CA GLU A 217 -15.72 3.46 -3.46
C GLU A 217 -16.25 2.95 -4.80
N PHE A 218 -15.42 2.23 -5.54
CA PHE A 218 -15.91 1.52 -6.72
C PHE A 218 -15.25 0.16 -6.86
N LYS A 219 -15.84 -0.71 -7.68
CA LYS A 219 -15.39 -2.09 -7.81
C LYS A 219 -15.32 -2.50 -9.27
N ALA A 220 -14.17 -2.29 -9.91
CA ALA A 220 -14.03 -2.56 -11.33
C ALA A 220 -13.10 -3.73 -11.64
N GLY A 221 -13.50 -4.54 -12.63
CA GLY A 221 -12.68 -5.58 -13.21
C GLY A 221 -11.67 -4.98 -14.17
N ILE A 222 -11.16 -5.80 -15.09
CA ILE A 222 -10.08 -5.49 -16.06
C ILE A 222 -10.30 -4.17 -16.86
N PHE A 223 -9.24 -3.38 -17.06
CA PHE A 223 -9.43 -1.95 -17.46
C PHE A 223 -8.60 -1.20 -18.56
N GLY A 224 -7.39 -1.58 -18.96
CA GLY A 224 -6.52 -2.48 -18.32
C GLY A 224 -5.76 -3.41 -19.24
N ILE A 225 -5.28 -2.98 -20.42
CA ILE A 225 -4.49 -3.92 -21.29
C ILE A 225 -3.38 -3.34 -22.22
N THR A 226 -2.15 -3.82 -22.05
CA THR A 226 -1.00 -3.33 -22.86
C THR A 226 -0.09 -4.47 -23.38
N LEU A 227 0.61 -4.23 -24.50
CA LEU A 227 1.33 -5.30 -25.22
C LEU A 227 2.84 -5.15 -25.17
N GLY A 228 3.52 -6.23 -24.84
CA GLY A 228 4.96 -6.21 -24.71
C GLY A 228 5.71 -6.54 -25.98
N ASP A 229 7.01 -6.80 -25.81
CA ASP A 229 7.91 -7.26 -26.87
C ASP A 229 7.45 -8.57 -27.53
N ARG A 230 7.38 -8.55 -28.86
CA ARG A 230 7.18 -9.77 -29.67
C ARG A 230 8.41 -10.67 -29.69
N ASP A 231 8.18 -11.97 -29.75
CA ASP A 231 9.21 -12.96 -30.10
C ASP A 231 9.26 -13.16 -31.63
N SER A 232 10.11 -14.07 -32.11
CA SER A 232 10.31 -14.28 -33.55
C SER A 232 9.09 -14.83 -34.31
N GLU A 233 8.08 -15.32 -33.59
CA GLU A 233 6.84 -15.80 -34.21
C GLU A 233 5.77 -14.71 -34.20
N GLY A 234 6.00 -13.66 -33.41
CA GLY A 234 5.08 -12.52 -33.35
C GLY A 234 4.10 -12.53 -32.19
N ASN A 235 4.42 -13.29 -31.15
CA ASN A 235 3.60 -13.36 -29.94
C ASN A 235 4.28 -12.57 -28.83
N ARG A 236 3.49 -12.10 -27.88
CA ARG A 236 3.99 -11.16 -26.87
C ARG A 236 3.20 -11.31 -25.59
N PRO A 237 3.77 -10.88 -24.45
CA PRO A 237 2.94 -10.78 -23.25
C PRO A 237 1.95 -9.62 -23.37
N ALA A 238 0.69 -9.89 -23.01
CA ALA A 238 -0.31 -8.84 -22.87
C ALA A 238 -0.54 -8.59 -21.37
N TYR A 239 0.02 -7.49 -20.87
CA TYR A 239 -0.18 -7.11 -19.48
C TYR A 239 -1.57 -6.50 -19.23
N TYR A 240 -2.21 -6.96 -18.16
CA TYR A 240 -3.49 -6.40 -17.79
C TYR A 240 -3.66 -6.24 -16.28
N LEU A 241 -4.66 -5.44 -15.92
CA LEU A 241 -5.01 -5.21 -14.52
C LEU A 241 -6.47 -4.81 -14.42
N ALA A 242 -7.08 -5.21 -13.31
CA ALA A 242 -8.39 -4.74 -12.95
C ALA A 242 -8.22 -3.36 -12.34
N GLY A 243 -9.25 -2.53 -12.46
CA GLY A 243 -9.25 -1.20 -11.86
C GLY A 243 -9.16 -1.28 -10.34
N SER A 244 -10.01 -2.12 -9.75
CA SER A 244 -10.08 -2.30 -8.31
C SER A 244 -9.21 -3.48 -7.92
N ALA A 245 -7.91 -3.22 -7.83
CA ALA A 245 -6.92 -4.28 -7.67
C ALA A 245 -5.54 -3.66 -7.64
N ILE A 246 -4.58 -4.46 -7.15
CA ILE A 246 -3.17 -4.10 -7.08
C ILE A 246 -2.32 -5.18 -7.74
N LYS A 247 -2.98 -6.23 -8.20
CA LYS A 247 -2.31 -7.30 -8.93
C LYS A 247 -2.22 -7.02 -10.42
N VAL A 248 -1.13 -7.50 -11.01
CA VAL A 248 -0.87 -7.37 -12.45
C VAL A 248 -0.54 -8.75 -13.06
N TYR A 249 -1.23 -9.07 -14.15
CA TYR A 249 -1.06 -10.33 -14.82
C TYR A 249 -0.53 -10.09 -16.22
N SER A 250 0.00 -11.14 -16.82
CA SER A 250 0.25 -11.20 -18.25
C SER A 250 -0.27 -12.53 -18.78
N VAL A 251 -0.71 -12.51 -20.02
CA VAL A 251 -1.14 -13.71 -20.72
C VAL A 251 -0.58 -13.58 -22.12
N ASN A 252 -0.11 -14.70 -22.68
CA ASN A 252 0.44 -14.66 -24.02
C ASN A 252 -0.64 -14.44 -25.08
N THR A 253 -0.31 -13.64 -26.09
CA THR A 253 -1.23 -13.38 -27.19
C THR A 253 -1.57 -14.64 -27.98
N LYS A 254 -0.69 -15.64 -27.90
CA LYS A 254 -0.86 -16.94 -28.53
C LYS A 254 -2.13 -17.62 -28.05
N GLU A 255 -2.35 -17.60 -26.73
CA GLU A 255 -3.52 -18.22 -26.13
C GLU A 255 -4.75 -17.37 -26.40
N LEU A 256 -4.55 -16.05 -26.57
CA LEU A 256 -5.65 -15.12 -26.82
C LEU A 256 -6.27 -15.24 -28.22
N LYS A 257 -5.41 -15.39 -29.23
CA LYS A 257 -5.84 -15.51 -30.64
C LYS A 257 -6.55 -16.84 -30.97
N GLN A 258 -6.54 -17.79 -30.03
CA GLN A 258 -7.16 -19.09 -30.23
C GLN A 258 -8.55 -19.16 -29.61
N LYS A 259 -9.55 -18.95 -30.45
CA LYS A 259 -10.96 -19.07 -30.09
C LYS A 259 -11.26 -20.44 -29.47
N GLY A 260 -11.73 -20.44 -28.23
CA GLY A 260 -12.08 -21.68 -27.52
C GLY A 260 -10.92 -22.37 -26.79
N GLY A 261 -9.76 -21.72 -26.75
CA GLY A 261 -8.59 -22.25 -26.03
C GLY A 261 -8.58 -21.83 -24.56
N LYS A 262 -7.89 -22.61 -23.74
CA LYS A 262 -7.74 -22.29 -22.32
C LYS A 262 -6.68 -21.19 -22.18
N LEU A 263 -6.88 -20.34 -21.17
CA LEU A 263 -5.92 -19.28 -20.85
C LEU A 263 -5.09 -19.66 -19.64
N ASN A 264 -3.81 -19.30 -19.68
CA ASN A 264 -2.91 -19.56 -18.55
C ASN A 264 -2.17 -18.31 -18.06
N PRO A 265 -2.91 -17.39 -17.41
CA PRO A 265 -2.32 -16.14 -16.99
C PRO A 265 -1.32 -16.33 -15.85
N GLU A 266 -0.23 -15.58 -15.92
CA GLU A 266 0.81 -15.57 -14.90
C GLU A 266 0.64 -14.36 -13.97
N LEU A 267 0.64 -14.59 -12.66
CA LEU A 267 0.70 -13.51 -11.67
C LEU A 267 2.10 -12.89 -11.72
N LEU A 268 2.24 -11.64 -11.32
CA LEU A 268 3.50 -10.92 -11.57
C LEU A 268 4.25 -10.23 -10.41
N GLY A 269 3.61 -9.79 -9.32
CA GLY A 269 2.23 -10.04 -8.99
C GLY A 269 1.43 -8.87 -8.40
N ASN A 270 2.06 -7.99 -7.60
CA ASN A 270 1.31 -6.85 -7.02
C ASN A 270 2.08 -5.55 -6.73
N ARG A 271 1.36 -4.42 -6.78
CA ARG A 271 1.96 -3.07 -6.69
C ARG A 271 1.92 -2.43 -5.31
N GLY A 272 1.42 -3.15 -4.31
CA GLY A 272 1.27 -2.59 -2.98
C GLY A 272 -0.06 -1.88 -2.82
N LYS A 273 -0.47 -1.71 -1.57
CA LYS A 273 -1.82 -1.28 -1.20
C LYS A 273 -2.23 0.11 -1.70
N TYR A 274 -3.53 0.26 -2.00
CA TYR A 274 -4.18 1.53 -2.40
C TYR A 274 -3.64 2.21 -3.68
N ASN A 275 -3.01 1.44 -4.55
CA ASN A 275 -2.40 1.98 -5.76
C ASN A 275 -3.18 1.61 -7.03
N ASP A 276 -4.42 1.17 -6.83
CA ASP A 276 -5.36 0.93 -7.92
C ASP A 276 -5.20 1.91 -9.06
N ALA A 277 -5.17 1.35 -10.26
CA ALA A 277 -5.04 2.11 -11.47
C ALA A 277 -5.99 1.51 -12.48
N ILE A 278 -6.50 2.34 -13.38
CA ILE A 278 -7.43 1.80 -14.37
C ILE A 278 -6.77 1.77 -15.72
N ALA A 279 -5.57 2.32 -15.80
CA ALA A 279 -4.83 2.39 -17.06
C ALA A 279 -3.37 2.09 -16.83
N LEU A 280 -2.77 1.37 -17.77
CA LEU A 280 -1.34 1.01 -17.73
C LEU A 280 -0.75 1.04 -19.15
N ALA A 281 0.55 1.34 -19.28
CA ALA A 281 1.17 1.39 -20.63
C ALA A 281 2.63 0.88 -20.65
N TYR A 282 2.89 -0.09 -21.52
CA TYR A 282 4.22 -0.68 -21.68
C TYR A 282 5.04 0.13 -22.70
N ASP A 283 6.27 0.44 -22.32
CA ASP A 283 7.19 1.12 -23.21
C ASP A 283 8.24 0.13 -23.77
N PRO A 284 8.34 0.04 -25.11
CA PRO A 284 9.33 -0.88 -25.67
C PRO A 284 10.78 -0.47 -25.36
N LYS A 285 11.05 0.83 -25.41
CA LYS A 285 12.41 1.37 -25.27
C LYS A 285 13.06 1.18 -23.89
N THR A 286 12.28 1.33 -22.81
CA THR A 286 12.82 1.12 -21.46
C THR A 286 12.41 -0.21 -20.84
N LYS A 287 11.38 -0.84 -21.39
CA LYS A 287 10.77 -2.07 -20.84
C LYS A 287 10.01 -1.82 -19.54
N VAL A 288 9.64 -0.55 -19.31
CA VAL A 288 8.88 -0.15 -18.13
C VAL A 288 7.35 -0.12 -18.42
N ILE A 289 6.54 -0.45 -17.41
CA ILE A 289 5.10 -0.29 -17.49
C ILE A 289 4.71 0.85 -16.57
N PHE A 290 3.93 1.77 -17.09
CA PHE A 290 3.49 2.95 -16.33
C PHE A 290 2.03 2.87 -15.96
N PHE A 291 1.72 3.27 -14.74
CA PHE A 291 0.36 3.15 -14.26
C PHE A 291 -0.14 4.55 -13.95
N ALA A 292 -1.33 4.89 -14.44
CA ALA A 292 -1.99 6.13 -14.05
C ALA A 292 -2.97 5.79 -12.95
N GLU A 293 -2.68 6.23 -11.72
CA GLU A 293 -3.40 5.72 -10.55
C GLU A 293 -4.67 6.50 -10.20
N ALA A 294 -5.56 5.83 -9.46
CA ALA A 294 -6.90 6.36 -9.17
C ALA A 294 -6.95 7.39 -8.05
N ASN A 295 -6.27 7.13 -6.93
CA ASN A 295 -6.46 8.00 -5.77
C ASN A 295 -5.17 8.60 -5.25
N THR A 296 -4.04 8.13 -5.78
CA THR A 296 -2.73 8.48 -5.19
C THR A 296 -2.14 9.78 -5.71
N LYS A 297 -2.79 10.36 -6.73
CA LYS A 297 -2.35 11.60 -7.35
C LYS A 297 -0.99 11.44 -8.03
N GLN A 298 -0.70 10.23 -8.50
CA GLN A 298 0.63 9.89 -9.03
C GLN A 298 0.60 9.00 -10.27
N VAL A 299 1.68 9.04 -11.04
CA VAL A 299 1.94 8.06 -12.09
C VAL A 299 3.13 7.18 -11.67
N SER A 300 2.93 5.88 -11.69
CA SER A 300 3.95 4.96 -11.16
C SER A 300 4.57 4.14 -12.27
N CYS A 301 5.63 3.39 -11.93
CA CYS A 301 6.39 2.61 -12.93
C CYS A 301 6.90 1.31 -12.36
N TRP A 302 7.12 0.35 -13.24
CA TRP A 302 7.75 -0.93 -12.91
C TRP A 302 8.48 -1.41 -14.15
N ASN A 303 9.80 -1.57 -14.01
CA ASN A 303 10.63 -2.23 -15.04
C ASN A 303 10.22 -3.70 -15.11
N THR A 304 9.91 -4.18 -16.31
CA THR A 304 9.43 -5.57 -16.47
C THR A 304 10.52 -6.63 -16.31
N GLN A 305 11.78 -6.17 -16.24
CA GLN A 305 12.94 -7.06 -16.17
C GLN A 305 13.29 -7.36 -14.73
N LYS A 306 12.86 -6.49 -13.83
CA LYS A 306 12.95 -6.76 -12.41
C LYS A 306 11.76 -7.61 -11.98
N MET A 307 12.03 -8.86 -11.62
CA MET A 307 11.01 -9.78 -11.12
C MET A 307 11.39 -10.21 -9.71
N PRO A 308 10.39 -10.46 -8.84
CA PRO A 308 8.97 -10.35 -9.14
C PRO A 308 8.44 -8.91 -8.88
N LEU A 309 7.26 -8.60 -9.42
CA LEU A 309 6.62 -7.31 -9.14
C LEU A 309 6.16 -7.26 -7.69
N ARG A 310 6.93 -6.54 -6.89
CA ARG A 310 6.56 -6.11 -5.55
C ARG A 310 6.67 -4.58 -5.57
N MET A 311 6.10 -3.93 -4.56
CA MET A 311 6.18 -2.48 -4.41
C MET A 311 7.62 -1.96 -4.44
N LYS A 312 8.53 -2.67 -3.77
CA LYS A 312 9.95 -2.30 -3.71
C LYS A 312 10.56 -2.14 -5.12
N ASN A 313 9.99 -2.83 -6.10
CA ASN A 313 10.41 -2.73 -7.51
C ASN A 313 9.68 -1.68 -8.35
N THR A 314 8.89 -0.85 -7.70
CA THR A 314 8.21 0.26 -8.37
C THR A 314 8.66 1.60 -7.80
N ASP A 315 8.44 2.66 -8.58
CA ASP A 315 8.73 4.04 -8.20
C ASP A 315 7.65 5.00 -8.76
N VAL A 316 7.88 6.31 -8.62
CA VAL A 316 6.93 7.32 -9.01
C VAL A 316 7.64 8.21 -10.03
N VAL A 317 7.01 8.41 -11.20
CA VAL A 317 7.58 9.31 -12.20
C VAL A 317 6.87 10.70 -12.20
N TYR A 318 5.70 10.79 -11.60
CA TYR A 318 4.95 12.05 -11.56
C TYR A 318 4.13 12.15 -10.30
N THR A 319 4.12 13.34 -9.68
CA THR A 319 3.21 13.65 -8.58
C THR A 319 2.58 15.03 -8.76
N SER A 320 1.25 15.12 -8.61
CA SER A 320 0.56 16.41 -8.55
C SER A 320 -0.71 16.35 -7.71
N SER A 321 -0.81 17.20 -6.69
CA SER A 321 -2.05 17.25 -5.91
C SER A 321 -3.29 17.39 -6.81
N ARG A 322 -3.08 17.85 -8.04
CA ARG A 322 -4.18 18.08 -8.96
C ARG A 322 -4.43 16.95 -9.94
N PHE A 323 -3.65 15.89 -9.84
CA PHE A 323 -3.82 14.72 -10.69
C PHE A 323 -4.88 13.78 -10.09
N VAL A 324 -6.12 14.24 -10.06
CA VAL A 324 -7.22 13.52 -9.43
C VAL A 324 -7.88 12.59 -10.43
N PHE A 325 -7.71 11.32 -10.15
CA PHE A 325 -8.20 10.21 -10.97
C PHE A 325 -7.53 10.11 -12.35
N GLY A 326 -6.40 9.39 -12.34
CA GLY A 326 -5.68 9.06 -13.56
C GLY A 326 -6.61 8.14 -14.31
N THR A 327 -6.75 8.41 -15.61
CA THR A 327 -7.73 7.75 -16.44
C THR A 327 -7.18 7.20 -17.76
N ASP A 328 -5.99 7.62 -18.14
CA ASP A 328 -5.40 7.15 -19.40
C ASP A 328 -3.91 7.40 -19.37
N ILE A 329 -3.19 6.53 -20.07
CA ILE A 329 -1.74 6.62 -20.19
C ILE A 329 -1.32 5.83 -21.43
N SER A 330 -0.48 6.43 -22.25
CA SER A 330 0.08 5.72 -23.40
C SER A 330 1.47 6.28 -23.68
N VAL A 331 2.26 5.52 -24.44
CA VAL A 331 3.52 6.08 -24.92
C VAL A 331 3.45 6.30 -26.43
N ASP A 332 3.87 7.47 -26.88
CA ASP A 332 3.74 7.82 -28.28
C ASP A 332 4.89 7.29 -29.21
N SER A 333 4.77 7.61 -30.50
CA SER A 333 5.75 7.23 -31.54
C SER A 333 7.19 7.61 -31.25
N LYS A 334 7.38 8.82 -30.74
CA LYS A 334 8.73 9.31 -30.48
C LYS A 334 9.06 9.07 -29.01
N GLY A 335 8.45 8.03 -28.45
CA GLY A 335 8.71 7.65 -27.05
C GLY A 335 8.25 8.63 -25.98
N GLY A 336 7.27 9.46 -26.31
CA GLY A 336 6.66 10.37 -25.33
C GLY A 336 5.74 9.63 -24.37
N LEU A 337 5.85 9.96 -23.09
CA LEU A 337 4.95 9.39 -22.08
C LEU A 337 3.78 10.34 -21.77
N TRP A 338 2.58 9.96 -22.19
CA TRP A 338 1.39 10.76 -21.93
C TRP A 338 0.49 10.15 -20.85
N PHE A 339 -0.02 11.01 -19.98
CA PHE A 339 -0.93 10.57 -18.94
C PHE A 339 -1.99 11.61 -18.63
N MET A 340 -3.21 11.14 -18.38
CA MET A 340 -4.38 12.02 -18.21
C MET A 340 -5.21 11.71 -16.96
N SER A 341 -5.65 12.77 -16.28
CA SER A 341 -6.64 12.68 -15.23
C SER A 341 -7.85 13.53 -15.59
N ASN A 342 -9.01 13.16 -15.05
CA ASN A 342 -10.23 13.90 -15.28
C ASN A 342 -11.23 13.91 -14.11
N GLY A 343 -10.79 13.50 -12.93
CA GLY A 343 -11.66 13.46 -11.75
C GLY A 343 -13.01 12.82 -12.00
N PHE A 344 -13.03 11.78 -12.84
CA PHE A 344 -14.26 11.09 -13.24
C PHE A 344 -14.15 9.59 -13.05
N PRO A 345 -14.19 9.13 -11.79
CA PRO A 345 -14.09 7.69 -11.56
C PRO A 345 -15.45 7.02 -11.78
N PRO A 346 -15.50 5.69 -11.85
CA PRO A 346 -16.76 4.97 -12.08
C PRO A 346 -17.61 4.88 -10.80
N ILE A 347 -18.23 5.99 -10.42
CA ILE A 347 -19.01 6.11 -9.22
C ILE A 347 -20.25 6.93 -9.57
N ARG A 348 -21.40 6.54 -9.01
CA ARG A 348 -22.66 7.22 -9.29
C ARG A 348 -22.54 8.71 -9.01
N LYS A 349 -22.82 9.51 -10.04
CA LYS A 349 -22.89 10.98 -9.95
C LYS A 349 -21.53 11.68 -10.01
N SER A 350 -20.50 10.94 -10.46
CA SER A 350 -19.16 11.49 -10.50
C SER A 350 -18.99 12.58 -11.56
N GLU A 351 -19.89 12.59 -12.54
CA GLU A 351 -19.96 13.67 -13.53
C GLU A 351 -20.15 15.03 -12.88
N LYS A 352 -20.73 15.07 -11.68
CA LYS A 352 -20.97 16.33 -11.02
C LYS A 352 -19.96 16.64 -9.92
N PHE A 353 -18.87 15.87 -9.90
CA PHE A 353 -17.70 16.21 -9.09
C PHE A 353 -17.03 17.44 -9.68
N LYS A 354 -16.72 18.40 -8.82
CA LYS A 354 -16.15 19.66 -9.27
C LYS A 354 -14.92 19.97 -8.44
N TYR A 355 -13.98 20.70 -9.03
CA TYR A 355 -12.67 20.93 -8.42
C TYR A 355 -12.28 22.42 -8.54
N ASP A 356 -11.41 22.88 -7.65
CA ASP A 356 -10.96 24.27 -7.66
C ASP A 356 -9.83 24.52 -8.66
N PHE A 357 -9.46 23.46 -9.39
CA PHE A 357 -8.43 23.54 -10.41
C PHE A 357 -8.99 22.85 -11.66
N PRO A 358 -8.36 23.05 -12.83
CA PRO A 358 -8.89 22.44 -14.04
C PRO A 358 -9.02 20.91 -13.92
N ARG A 359 -10.23 20.41 -14.17
CA ARG A 359 -10.58 19.01 -14.01
C ARG A 359 -9.77 18.10 -14.97
N TYR A 360 -9.67 18.51 -16.22
CA TYR A 360 -9.01 17.73 -17.26
C TYR A 360 -7.56 18.13 -17.41
N ARG A 361 -6.68 17.17 -17.18
CA ARG A 361 -5.24 17.40 -17.13
C ARG A 361 -4.51 16.36 -17.98
N LEU A 362 -3.76 16.82 -18.97
CA LEU A 362 -3.02 15.94 -19.87
C LEU A 362 -1.56 16.39 -19.93
N MET A 363 -0.65 15.49 -19.54
CA MET A 363 0.76 15.85 -19.50
C MET A 363 1.63 14.88 -20.30
N ARG A 364 2.69 15.43 -20.88
CA ARG A 364 3.72 14.59 -21.49
C ARG A 364 5.06 14.79 -20.78
N ILE A 365 5.74 13.69 -20.51
CA ILE A 365 7.16 13.73 -20.21
C ILE A 365 7.85 13.42 -21.55
N MET A 366 8.76 14.29 -21.97
CA MET A 366 9.34 14.28 -23.34
C MET A 366 9.79 12.90 -23.83
N ASP A 367 10.53 12.18 -22.98
CA ASP A 367 10.79 10.75 -23.20
C ASP A 367 10.81 9.92 -21.90
N THR A 368 10.59 8.62 -22.07
CA THR A 368 10.57 7.66 -20.98
C THR A 368 11.90 7.55 -20.20
N GLN A 369 13.04 7.79 -20.85
CA GLN A 369 14.34 7.86 -20.12
C GLN A 369 14.38 9.04 -19.15
N GLU A 370 13.94 10.22 -19.61
CA GLU A 370 13.83 11.40 -18.76
C GLU A 370 13.03 11.03 -17.53
N ALA A 371 11.93 10.29 -17.76
CA ALA A 371 11.01 9.91 -16.69
C ALA A 371 11.71 9.13 -15.58
N ILE A 372 12.29 7.98 -15.93
CA ILE A 372 12.72 7.00 -14.93
C ILE A 372 14.13 7.21 -14.34
N ALA A 373 14.78 8.32 -14.74
CA ALA A 373 16.12 8.65 -14.27
C ALA A 373 16.21 8.81 -12.74
N GLY A 374 17.14 8.07 -12.13
CA GLY A 374 17.35 8.11 -10.69
C GLY A 374 16.24 7.41 -9.91
N THR A 375 15.67 6.34 -10.49
CA THR A 375 14.51 5.64 -9.90
C THR A 375 14.69 4.14 -10.01
N ALA A 376 13.93 3.38 -9.21
CA ALA A 376 13.96 1.91 -9.23
C ALA A 376 13.47 1.29 -10.54
N CYS A 377 13.06 2.14 -11.47
CA CYS A 377 12.62 1.65 -12.77
C CYS A 377 13.75 1.74 -13.76
N ASP A 378 14.85 2.37 -13.35
CA ASP A 378 16.06 2.46 -14.17
C ASP A 378 16.89 1.16 -14.26
N MET A 379 18.15 1.32 -14.62
CA MET A 379 18.89 0.25 -15.25
C MET A 379 20.41 0.40 -15.15
N ASN A 380 21.01 0.59 -13.98
CA ASN A 380 20.40 0.94 -12.70
C ASN A 380 20.69 2.41 -12.52
N ALA B 1 4.04 5.18 42.04
CA ALA B 1 3.10 6.26 41.59
C ALA B 1 3.84 7.48 41.06
N ASP B 2 5.09 7.67 41.47
CA ASP B 2 5.96 8.68 40.84
C ASP B 2 6.57 8.07 39.60
N THR B 3 6.62 8.86 38.54
CA THR B 3 7.27 8.39 37.34
C THR B 3 8.39 9.32 36.94
N GLN B 4 9.31 8.77 36.16
CA GLN B 4 10.32 9.56 35.50
C GLN B 4 10.35 9.04 34.07
N GLY B 5 10.85 9.86 33.15
CA GLY B 5 10.94 9.46 31.75
C GLY B 5 11.05 10.56 30.73
N TYR B 6 10.45 10.33 29.57
CA TYR B 6 10.62 11.22 28.43
C TYR B 6 9.31 11.43 27.68
N LYS B 7 9.20 12.61 27.07
CA LYS B 7 8.02 13.04 26.31
C LYS B 7 8.49 13.81 25.08
N TRP B 8 8.10 13.37 23.89
CA TRP B 8 8.50 14.09 22.68
C TRP B 8 7.27 14.49 21.87
N LYS B 9 7.18 15.78 21.53
CA LYS B 9 6.18 16.26 20.60
C LYS B 9 6.49 15.64 19.25
N GLN B 10 7.78 15.52 18.97
CA GLN B 10 8.28 14.87 17.76
C GLN B 10 9.68 14.33 18.03
N LEU B 11 9.98 13.21 17.40
CA LEU B 11 11.23 12.53 17.58
C LEU B 11 12.27 13.13 16.66
N LEU B 12 13.09 14.02 17.20
CA LEU B 12 14.20 14.62 16.46
C LEU B 12 15.46 13.75 16.58
N TYR B 13 16.24 13.72 15.51
CA TYR B 13 17.49 12.94 15.49
C TYR B 13 18.73 13.83 15.61
N ASN B 14 19.76 13.30 16.28
CA ASN B 14 21.01 14.00 16.47
C ASN B 14 21.97 13.69 15.33
N ASN B 15 22.85 14.65 15.06
CA ASN B 15 23.82 14.57 13.98
C ASN B 15 23.22 14.14 12.62
N VAL B 16 22.03 14.66 12.33
CA VAL B 16 21.37 14.46 11.04
C VAL B 16 20.98 15.83 10.50
N THR B 17 21.19 16.03 9.20
CA THR B 17 20.90 17.30 8.57
C THR B 17 19.47 17.77 8.87
N PRO B 18 19.33 18.94 9.51
CA PRO B 18 17.99 19.50 9.76
C PRO B 18 17.29 19.68 8.43
N GLY B 19 16.07 19.18 8.32
CA GLY B 19 15.28 19.37 7.09
C GLY B 19 15.39 18.20 6.12
N SER B 20 16.26 17.24 6.39
CA SER B 20 16.46 16.09 5.48
C SER B 20 15.46 14.95 5.79
N TYR B 21 14.57 15.19 6.75
CA TYR B 21 13.50 14.26 7.11
C TYR B 21 12.39 15.07 7.75
N ASN B 22 11.18 14.54 7.73
CA ASN B 22 10.06 15.18 8.44
C ASN B 22 9.82 14.55 9.84
N PRO B 23 9.92 15.35 10.92
CA PRO B 23 9.84 14.82 12.30
C PRO B 23 8.51 14.20 12.64
N ASP B 24 7.45 14.69 12.02
CA ASP B 24 6.13 14.10 12.23
C ASP B 24 6.10 12.66 11.73
N ASN B 25 6.92 12.33 10.73
CA ASN B 25 6.93 11.00 10.13
C ASN B 25 7.72 9.98 10.96
N MET B 26 8.40 10.45 11.99
CA MET B 26 9.21 9.57 12.84
C MET B 26 8.30 8.97 13.90
N ILE B 27 7.86 7.74 13.68
CA ILE B 27 6.86 7.18 14.58
C ILE B 27 7.41 6.00 15.32
N SER B 28 7.63 6.15 16.62
CA SER B 28 8.19 5.06 17.41
C SER B 28 7.10 4.13 17.90
N THR B 29 7.34 2.83 17.76
CA THR B 29 6.32 1.85 18.10
C THR B 29 6.66 1.08 19.36
N ALA B 30 7.93 1.12 19.78
CA ALA B 30 8.44 0.24 20.84
C ALA B 30 9.78 0.72 21.41
N PHE B 31 10.13 0.21 22.59
CA PHE B 31 11.37 0.61 23.22
C PHE B 31 11.97 -0.58 23.93
N ALA B 32 13.23 -0.42 24.34
CA ALA B 32 13.85 -1.34 25.31
C ALA B 32 14.88 -0.54 26.11
N TYR B 33 14.77 -0.59 27.43
CA TYR B 33 15.74 0.06 28.27
C TYR B 33 16.74 -0.92 28.85
N ASP B 34 18.02 -0.53 28.81
CA ASP B 34 19.09 -1.35 29.36
C ASP B 34 19.54 -0.65 30.64
N ALA B 35 19.09 -1.15 31.78
CA ALA B 35 19.34 -0.49 33.03
C ALA B 35 20.83 -0.47 33.42
N GLU B 36 21.55 -1.54 33.07
CA GLU B 36 22.97 -1.64 33.41
C GLU B 36 23.82 -0.65 32.63
N GLY B 37 23.45 -0.41 31.37
CA GLY B 37 24.23 0.45 30.49
C GLY B 37 23.75 1.88 30.47
N GLU B 38 22.53 2.09 30.97
CA GLU B 38 21.82 3.37 30.91
C GLU B 38 21.60 3.84 29.45
N LYS B 39 21.10 2.91 28.65
CA LYS B 39 20.84 3.13 27.23
C LYS B 39 19.39 2.81 26.96
N LEU B 40 18.74 3.71 26.24
CA LEU B 40 17.38 3.49 25.80
C LEU B 40 17.41 3.20 24.30
N PHE B 41 16.66 2.21 23.86
CA PHE B 41 16.56 1.95 22.43
C PHE B 41 15.16 2.16 21.96
N LEU B 42 15.01 2.66 20.75
CA LEU B 42 13.70 2.94 20.24
C LEU B 42 13.56 2.34 18.87
N ALA B 43 12.43 1.67 18.62
CA ALA B 43 12.11 1.25 17.26
C ALA B 43 11.33 2.36 16.61
N VAL B 44 11.75 2.72 15.40
CA VAL B 44 11.07 3.70 14.57
C VAL B 44 10.96 3.04 13.20
N PRO B 45 9.90 2.27 12.96
CA PRO B 45 9.78 1.56 11.69
C PRO B 45 9.82 2.49 10.47
N ARG B 46 10.38 1.98 9.38
CA ARG B 46 10.53 2.79 8.18
C ARG B 46 9.24 2.64 7.37
N LYS B 47 8.21 3.25 7.95
CA LYS B 47 6.84 3.18 7.47
C LYS B 47 6.54 4.36 6.56
N LEU B 48 7.12 5.52 6.89
CA LEU B 48 7.04 6.73 6.09
C LEU B 48 8.48 7.12 5.70
N PRO B 49 8.67 8.03 4.73
CA PRO B 49 10.02 8.24 4.19
C PRO B 49 11.05 8.86 5.12
N ARG B 50 12.32 8.60 4.82
CA ARG B 50 13.48 9.30 5.38
C ARG B 50 13.77 9.10 6.88
N VAL B 51 13.42 7.93 7.43
CA VAL B 51 13.81 7.60 8.78
C VAL B 51 15.33 7.30 8.78
N PRO B 52 16.09 8.14 9.47
CA PRO B 52 17.54 8.03 9.37
C PRO B 52 18.03 6.76 10.07
N TYR B 53 17.45 6.45 11.24
CA TYR B 53 17.78 5.23 11.98
C TYR B 53 16.51 4.58 12.54
N THR B 54 16.28 3.34 12.13
CA THR B 54 15.10 2.57 12.54
C THR B 54 15.34 1.97 13.92
N LEU B 55 16.61 1.70 14.20
CA LEU B 55 17.08 1.39 15.57
C LEU B 55 17.85 2.59 16.08
N ALA B 56 17.26 3.27 17.05
CA ALA B 56 17.83 4.51 17.60
C ALA B 56 18.15 4.32 19.07
N GLU B 57 19.05 5.15 19.59
CA GLU B 57 19.40 5.07 20.99
C GLU B 57 19.56 6.41 21.69
N VAL B 58 19.34 6.40 23.00
CA VAL B 58 19.67 7.53 23.87
C VAL B 58 20.42 7.10 25.13
N ASP B 59 21.48 7.85 25.43
CA ASP B 59 22.22 7.71 26.67
C ASP B 59 21.42 8.47 27.70
N THR B 60 20.80 7.74 28.61
CA THR B 60 19.98 8.32 29.66
C THR B 60 20.74 8.76 30.92
N LYS B 61 22.05 8.53 30.98
CA LYS B 61 22.84 8.92 32.16
C LYS B 61 22.58 10.36 32.62
N ASN B 62 22.74 11.32 31.70
CA ASN B 62 22.54 12.74 31.99
C ASN B 62 21.06 13.19 31.93
N SER B 63 20.19 12.33 31.39
CA SER B 63 18.83 12.74 30.97
C SER B 63 17.72 12.40 31.97
N LEU B 64 17.62 11.13 32.34
CA LEU B 64 16.48 10.60 33.09
C LEU B 64 16.25 11.26 34.44
N GLY B 65 15.03 11.75 34.67
CA GLY B 65 14.68 12.39 35.94
C GLY B 65 15.26 13.79 36.18
N VAL B 66 15.88 14.35 35.16
CA VAL B 66 16.55 15.65 35.22
C VAL B 66 15.71 16.73 34.53
N LYS B 67 15.40 17.81 35.25
CA LYS B 67 14.57 18.88 34.72
C LYS B 67 15.14 19.49 33.45
N GLY B 68 14.26 19.70 32.47
CA GLY B 68 14.65 20.21 31.17
C GLY B 68 15.28 19.21 30.24
N LYS B 69 15.33 17.93 30.62
CA LYS B 69 15.88 16.90 29.74
C LYS B 69 14.85 15.82 29.39
N HIS B 70 13.61 16.24 29.14
CA HIS B 70 12.53 15.32 28.83
C HIS B 70 12.43 14.92 27.34
N SER B 71 13.11 15.66 26.45
CA SER B 71 13.10 15.35 25.00
C SER B 71 14.50 15.16 24.42
N PRO B 72 15.21 14.09 24.82
CA PRO B 72 16.55 13.94 24.26
C PRO B 72 16.52 13.57 22.79
N LEU B 73 17.57 13.98 22.08
CA LEU B 73 17.75 13.66 20.68
C LEU B 73 18.02 12.18 20.47
N LEU B 74 17.51 11.62 19.40
CA LEU B 74 17.82 10.23 19.06
C LEU B 74 19.17 10.11 18.34
N ASN B 75 19.87 9.01 18.59
CA ASN B 75 21.13 8.75 17.91
C ASN B 75 21.16 7.48 17.08
N LYS B 76 22.11 7.41 16.14
CA LYS B 76 22.46 6.18 15.45
C LYS B 76 22.77 5.12 16.51
N PHE B 77 22.34 3.88 16.28
CA PHE B 77 22.66 2.76 17.16
C PHE B 77 24.17 2.63 17.13
N SER B 78 24.78 2.41 18.29
CA SER B 78 26.24 2.37 18.40
C SER B 78 26.86 1.12 17.77
N GLY B 79 26.04 0.13 17.45
CA GLY B 79 26.49 -1.04 16.69
C GLY B 79 26.43 -0.88 15.18
N HIS B 80 26.13 0.34 14.71
CA HIS B 80 25.93 0.59 13.28
C HIS B 80 26.81 1.75 12.81
N LYS B 81 27.28 1.67 11.56
CA LYS B 81 28.03 2.78 10.97
C LYS B 81 27.12 3.69 10.18
N THR B 82 26.24 3.09 9.36
CA THR B 82 25.43 3.84 8.38
C THR B 82 23.96 3.98 8.74
N GLY B 83 23.42 3.00 9.47
CA GLY B 83 21.97 2.96 9.72
C GLY B 83 21.22 2.23 8.63
N LYS B 84 21.94 1.64 7.68
CA LYS B 84 21.35 0.78 6.65
C LYS B 84 21.45 -0.70 7.01
N GLU B 85 22.10 -1.01 8.13
CA GLU B 85 22.30 -2.39 8.59
C GLU B 85 20.98 -3.08 8.94
N LEU B 86 19.99 -2.28 9.33
CA LEU B 86 18.64 -2.78 9.53
C LEU B 86 17.75 -1.97 8.62
N THR B 87 16.77 -2.62 8.01
CA THR B 87 15.90 -1.94 7.08
C THR B 87 14.74 -1.28 7.83
N SER B 88 14.12 -2.04 8.73
CA SER B 88 12.93 -1.57 9.46
C SER B 88 12.60 -2.46 10.66
N ILE B 89 12.52 -1.85 11.84
CA ILE B 89 12.17 -2.60 13.04
C ILE B 89 10.97 -1.98 13.74
N TYR B 90 10.21 -2.85 14.39
CA TYR B 90 9.02 -2.45 15.13
C TYR B 90 9.19 -2.61 16.62
N GLN B 91 10.10 -3.51 17.02
CA GLN B 91 10.28 -3.90 18.44
C GLN B 91 11.72 -4.30 18.80
N PRO B 92 12.31 -3.66 19.83
CA PRO B 92 13.52 -4.17 20.46
C PRO B 92 13.24 -4.85 21.81
N VAL B 93 14.00 -5.92 22.08
CA VAL B 93 13.86 -6.66 23.30
C VAL B 93 15.26 -7.01 23.84
N ILE B 94 15.50 -6.75 25.12
CA ILE B 94 16.74 -7.20 25.76
C ILE B 94 16.47 -8.47 26.55
N ASP B 95 17.22 -9.54 26.24
CA ASP B 95 17.07 -10.79 26.99
C ASP B 95 17.81 -10.77 28.33
N ASP B 96 17.88 -11.93 28.99
CA ASP B 96 18.51 -12.05 30.30
C ASP B 96 20.01 -11.82 30.26
N CYS B 97 20.60 -12.03 29.07
CA CYS B 97 22.06 -11.97 28.86
C CYS B 97 22.49 -10.61 28.32
N ARG B 98 21.58 -9.63 28.41
CA ARG B 98 21.81 -8.31 27.79
C ARG B 98 22.22 -8.38 26.31
N ARG B 99 21.61 -9.32 25.58
CA ARG B 99 21.58 -9.27 24.13
C ARG B 99 20.36 -8.46 23.68
N LEU B 100 20.56 -7.53 22.76
CA LEU B 100 19.45 -6.74 22.18
C LEU B 100 18.95 -7.37 20.89
N TRP B 101 17.68 -7.79 20.88
CA TRP B 101 17.03 -8.40 19.72
C TRP B 101 16.08 -7.46 19.02
N VAL B 102 16.02 -7.61 17.69
CA VAL B 102 15.09 -6.89 16.85
C VAL B 102 14.60 -7.85 15.79
N VAL B 103 13.46 -7.54 15.18
CA VAL B 103 13.02 -8.23 13.98
C VAL B 103 13.00 -7.21 12.85
N ASP B 104 13.87 -7.42 11.88
CA ASP B 104 13.96 -6.57 10.72
C ASP B 104 12.98 -7.11 9.68
N ILE B 105 11.91 -6.37 9.44
CA ILE B 105 10.92 -6.82 8.48
C ILE B 105 11.56 -6.94 7.07
N GLY B 106 12.62 -6.16 6.81
CA GLY B 106 13.41 -6.29 5.59
C GLY B 106 12.92 -5.52 4.38
N SER B 107 11.92 -4.68 4.57
CA SER B 107 11.47 -3.74 3.54
C SER B 107 10.75 -2.56 4.16
N VAL B 108 10.81 -1.43 3.49
CA VAL B 108 10.12 -0.23 3.94
C VAL B 108 8.64 -0.32 3.50
N GLU B 109 7.77 0.51 4.04
CA GLU B 109 6.33 0.49 3.64
C GLU B 109 5.84 1.61 2.70
N TYR B 110 6.75 2.43 2.18
CA TYR B 110 6.43 3.45 1.19
C TYR B 110 7.18 3.20 -0.13
N ARG B 111 6.72 3.79 -1.22
CA ARG B 111 7.46 3.74 -2.49
C ARG B 111 8.05 5.10 -2.76
N SER B 112 9.18 5.12 -3.47
CA SER B 112 9.89 6.34 -3.77
C SER B 112 10.44 7.04 -2.52
N ARG B 113 11.00 8.24 -2.71
CA ARG B 113 11.27 9.19 -1.63
C ARG B 113 12.20 8.85 -0.42
N GLY B 114 13.34 8.18 -0.53
CA GLY B 114 13.73 7.29 -1.57
C GLY B 114 13.85 5.94 -0.89
N ALA B 115 12.79 5.15 -1.04
CA ALA B 115 12.69 3.78 -0.58
C ALA B 115 13.88 2.90 -1.01
N LYS B 116 14.54 3.32 -2.09
CA LYS B 116 15.57 2.50 -2.74
C LYS B 116 16.95 2.58 -2.04
N ASP B 117 17.00 3.32 -0.93
CA ASP B 117 18.23 3.48 -0.16
C ASP B 117 18.49 2.32 0.82
N TYR B 118 17.48 1.50 1.07
CA TYR B 118 17.62 0.45 2.07
C TYR B 118 17.50 -0.94 1.45
N PRO B 119 18.38 -1.88 1.85
CA PRO B 119 18.38 -3.22 1.23
C PRO B 119 17.03 -3.87 1.48
N SER B 120 16.50 -4.52 0.45
CA SER B 120 15.23 -5.18 0.59
C SER B 120 15.50 -6.67 0.66
N HIS B 121 15.29 -7.26 1.83
CA HIS B 121 15.59 -8.67 2.04
C HIS B 121 14.51 -9.38 2.83
N ARG B 122 14.58 -10.70 2.90
CA ARG B 122 13.66 -11.49 3.71
C ARG B 122 13.72 -11.02 5.17
N PRO B 123 12.60 -11.12 5.89
CA PRO B 123 12.65 -10.75 7.31
C PRO B 123 13.76 -11.49 8.04
N ALA B 124 14.26 -10.89 9.12
CA ALA B 124 15.35 -11.47 9.88
C ALA B 124 15.31 -11.13 11.36
N ILE B 125 15.75 -12.08 12.18
CA ILE B 125 15.87 -11.93 13.62
C ILE B 125 17.32 -11.64 13.90
N VAL B 126 17.60 -10.49 14.49
CA VAL B 126 18.98 -10.05 14.69
C VAL B 126 19.23 -9.71 16.16
N ALA B 127 20.45 -9.96 16.61
CA ALA B 127 20.83 -9.75 18.00
C ALA B 127 22.21 -9.13 18.07
N TYR B 128 22.34 -8.16 18.98
CA TYR B 128 23.59 -7.50 19.26
C TYR B 128 23.93 -7.71 20.71
N ASP B 129 25.22 -7.87 21.01
CA ASP B 129 25.67 -8.10 22.38
C ASP B 129 26.01 -6.81 23.09
N LEU B 130 25.22 -6.45 24.08
CA LEU B 130 25.39 -5.18 24.76
C LEU B 130 26.58 -5.20 25.73
N LYS B 131 27.09 -6.40 26.05
CA LYS B 131 28.19 -6.56 27.01
C LYS B 131 29.59 -6.40 26.38
N GLN B 132 29.63 -6.20 25.08
CA GLN B 132 30.86 -5.86 24.37
C GLN B 132 30.65 -4.48 23.79
N PRO B 133 31.70 -3.66 23.75
CA PRO B 133 31.61 -2.53 22.81
C PRO B 133 32.03 -3.04 21.42
N ASN B 134 31.53 -2.47 20.33
CA ASN B 134 30.47 -1.51 20.29
C ASN B 134 29.26 -2.26 19.75
N TYR B 135 28.61 -3.03 20.61
CA TYR B 135 27.40 -3.77 20.26
C TYR B 135 27.51 -4.62 18.98
N PRO B 136 28.50 -5.53 18.92
CA PRO B 136 28.62 -6.39 17.75
C PRO B 136 27.40 -7.28 17.58
N GLU B 137 27.14 -7.68 16.35
CA GLU B 137 26.08 -8.61 16.00
C GLU B 137 26.44 -10.06 16.36
N VAL B 138 25.55 -10.75 17.09
CA VAL B 138 25.80 -12.13 17.53
C VAL B 138 24.82 -13.20 17.01
N VAL B 139 23.65 -12.78 16.55
CA VAL B 139 22.69 -13.66 15.89
C VAL B 139 22.16 -12.93 14.67
N ARG B 140 21.94 -13.69 13.60
CA ARG B 140 21.25 -13.22 12.41
C ARG B 140 20.63 -14.42 11.70
N TYR B 141 19.29 -14.46 11.66
CA TYR B 141 18.58 -15.57 11.04
C TYR B 141 17.48 -15.05 10.12
N TYR B 142 17.58 -15.42 8.85
CA TYR B 142 16.61 -15.06 7.84
C TYR B 142 15.46 -16.05 7.81
N PHE B 143 14.23 -15.53 7.91
CA PHE B 143 13.02 -16.31 7.77
C PHE B 143 13.07 -17.11 6.48
N PRO B 144 12.65 -18.39 6.52
CA PRO B 144 12.45 -19.14 5.28
C PRO B 144 11.29 -18.56 4.48
N THR B 145 11.49 -18.39 3.17
CA THR B 145 10.46 -17.85 2.25
C THR B 145 9.04 -18.42 2.51
N ARG B 146 8.97 -19.72 2.79
CA ARG B 146 7.72 -20.43 3.06
C ARG B 146 6.97 -19.91 4.30
N LEU B 147 7.70 -19.42 5.29
CA LEU B 147 7.07 -19.00 6.56
C LEU B 147 6.78 -17.49 6.63
N VAL B 148 7.18 -16.76 5.60
CA VAL B 148 6.86 -15.34 5.52
C VAL B 148 5.38 -15.15 5.23
N GLU B 149 4.70 -14.50 6.17
CA GLU B 149 3.30 -14.17 6.07
C GLU B 149 3.09 -12.80 6.69
N LYS B 150 2.75 -11.82 5.86
CA LYS B 150 2.45 -10.46 6.29
C LYS B 150 3.41 -9.95 7.40
N PRO B 151 4.72 -9.86 7.08
CA PRO B 151 5.78 -9.51 8.05
C PRO B 151 5.59 -8.15 8.71
N THR B 152 4.74 -7.33 8.08
CA THR B 152 4.50 -5.96 8.48
C THR B 152 3.60 -5.91 9.74
N TYR B 153 3.07 -7.06 10.11
CA TYR B 153 2.13 -7.21 11.21
C TYR B 153 2.69 -7.99 12.41
N PHE B 154 4.02 -8.00 12.57
CA PHE B 154 4.62 -8.60 13.77
C PHE B 154 4.43 -7.71 15.01
N GLY B 155 3.95 -8.30 16.10
CA GLY B 155 3.74 -7.56 17.34
C GLY B 155 4.98 -7.65 18.21
N GLY B 156 4.76 -7.84 19.51
CA GLY B 156 5.82 -8.08 20.45
C GLY B 156 6.36 -9.50 20.29
N PHE B 157 7.51 -9.75 20.92
CA PHE B 157 8.05 -11.07 20.95
C PHE B 157 8.80 -11.29 22.26
N ALA B 158 9.06 -12.55 22.59
CA ALA B 158 9.78 -12.88 23.81
C ALA B 158 11.01 -13.67 23.44
N VAL B 159 12.07 -13.47 24.19
CA VAL B 159 13.25 -14.27 23.96
C VAL B 159 13.40 -15.17 25.17
N ASP B 160 13.33 -16.47 24.92
CA ASP B 160 13.30 -17.48 25.95
C ASP B 160 14.69 -18.10 25.99
N VAL B 161 15.41 -17.84 27.06
CA VAL B 161 16.79 -18.32 27.16
C VAL B 161 16.88 -19.34 28.27
N ALA B 162 17.18 -20.59 27.89
CA ALA B 162 17.22 -21.71 28.82
C ALA B 162 18.49 -21.72 29.66
N ASN B 163 19.62 -21.34 29.05
CA ASN B 163 20.87 -21.23 29.79
C ASN B 163 21.42 -19.82 29.94
N PRO B 164 20.63 -18.91 30.57
CA PRO B 164 21.06 -17.51 30.77
C PRO B 164 22.38 -17.32 31.53
N LYS B 165 22.78 -18.32 32.31
CA LYS B 165 24.02 -18.21 33.09
C LYS B 165 25.18 -18.92 32.43
N GLY B 166 24.85 -19.72 31.41
CA GLY B 166 25.83 -20.25 30.46
C GLY B 166 26.05 -19.30 29.28
N ASP B 167 26.36 -19.89 28.12
CA ASP B 167 26.58 -19.13 26.87
C ASP B 167 25.30 -18.58 26.17
N CYS B 168 24.13 -18.90 26.72
CA CYS B 168 22.88 -18.30 26.25
C CYS B 168 22.46 -18.74 24.83
N SER B 169 22.91 -19.91 24.41
CA SER B 169 22.66 -20.41 23.05
C SER B 169 21.42 -21.30 23.00
N GLU B 170 20.91 -21.66 24.16
CA GLU B 170 19.69 -22.46 24.23
C GLU B 170 18.47 -21.50 24.21
N THR B 171 18.30 -20.86 23.06
CA THR B 171 17.37 -19.73 22.95
C THR B 171 16.28 -20.04 21.96
N PHE B 172 15.05 -19.66 22.35
CA PHE B 172 13.91 -19.60 21.46
C PHE B 172 13.41 -18.17 21.42
N VAL B 173 12.88 -17.79 20.26
CA VAL B 173 12.22 -16.52 20.08
C VAL B 173 10.81 -16.82 19.58
N TYR B 174 9.82 -16.20 20.21
CA TYR B 174 8.43 -16.38 19.81
C TYR B 174 7.87 -15.03 19.38
N ILE B 175 7.55 -14.90 18.09
CA ILE B 175 7.15 -13.64 17.51
C ILE B 175 5.69 -13.67 17.10
N THR B 176 4.92 -12.66 17.52
CA THR B 176 3.50 -12.62 17.28
C THR B 176 3.17 -11.92 15.97
N ASN B 177 2.02 -12.28 15.40
CA ASN B 177 1.50 -11.60 14.23
C ASN B 177 0.03 -11.38 14.46
N PHE B 178 -0.38 -10.12 14.39
CA PHE B 178 -1.68 -9.75 14.90
C PHE B 178 -2.76 -9.70 13.84
N LEU B 179 -2.35 -9.63 12.59
CA LEU B 179 -3.26 -9.78 11.47
C LEU B 179 -3.61 -11.25 11.35
N ARG B 180 -2.56 -12.07 11.37
CA ARG B 180 -2.71 -13.49 11.09
C ARG B 180 -3.19 -14.31 12.28
N GLY B 181 -2.99 -13.78 13.49
CA GLY B 181 -3.25 -14.54 14.70
C GLY B 181 -2.38 -15.78 14.64
N ALA B 182 -1.08 -15.55 14.56
CA ALA B 182 -0.07 -16.59 14.46
C ALA B 182 1.14 -16.27 15.33
N LEU B 183 1.89 -17.31 15.65
CA LEU B 183 3.16 -17.19 16.36
C LEU B 183 4.25 -17.84 15.53
N PHE B 184 5.25 -17.05 15.17
CA PHE B 184 6.44 -17.57 14.51
C PHE B 184 7.45 -18.01 15.56
N ILE B 185 8.01 -19.21 15.38
CA ILE B 185 8.87 -19.82 16.40
C ILE B 185 10.26 -20.09 15.85
N TYR B 186 11.26 -19.47 16.48
CA TYR B 186 12.65 -19.66 16.09
C TYR B 186 13.40 -20.51 17.10
N ASP B 187 13.94 -21.63 16.62
CA ASP B 187 14.84 -22.48 17.41
C ASP B 187 16.27 -22.13 17.00
N HIS B 188 16.94 -21.38 17.87
CA HIS B 188 18.28 -20.92 17.60
C HIS B 188 19.32 -22.06 17.58
N LYS B 189 19.25 -22.93 18.59
CA LYS B 189 20.12 -24.10 18.67
C LYS B 189 20.14 -24.97 17.41
N LYS B 190 18.96 -25.34 16.89
CA LYS B 190 18.86 -26.21 15.70
C LYS B 190 18.75 -25.39 14.40
N GLN B 191 18.96 -24.08 14.50
CA GLN B 191 18.81 -23.14 13.37
C GLN B 191 17.57 -23.34 12.48
N ASP B 192 16.43 -23.63 13.11
CA ASP B 192 15.18 -24.02 12.42
C ASP B 192 14.00 -23.11 12.85
N SER B 193 12.97 -23.02 12.02
CA SER B 193 11.77 -22.24 12.36
C SER B 193 10.48 -22.77 11.70
N TRP B 194 9.35 -22.28 12.20
CA TRP B 194 8.02 -22.73 11.75
C TRP B 194 6.91 -21.83 12.31
N ASN B 195 5.73 -21.89 11.67
CA ASN B 195 4.56 -21.12 12.09
C ASN B 195 3.60 -21.91 12.95
N VAL B 196 2.89 -21.22 13.84
CA VAL B 196 1.87 -21.84 14.65
C VAL B 196 0.65 -20.93 14.72
N THR B 197 -0.53 -21.52 14.50
CA THR B 197 -1.80 -20.83 14.68
C THR B 197 -2.66 -21.60 15.67
N HIS B 198 -3.53 -20.87 16.36
CA HIS B 198 -4.48 -21.45 17.29
C HIS B 198 -5.66 -20.48 17.33
N PRO B 199 -6.90 -21.00 17.48
CA PRO B 199 -8.10 -20.13 17.55
C PRO B 199 -8.05 -19.11 18.70
N THR B 200 -7.19 -19.39 19.67
CA THR B 200 -6.96 -18.55 20.82
C THR B 200 -6.03 -17.34 20.52
N PHE B 201 -5.30 -17.38 19.40
CA PHE B 201 -4.50 -16.23 18.93
C PHE B 201 -5.34 -15.18 18.18
N LYS B 202 -6.63 -15.43 18.04
CA LYS B 202 -7.46 -14.54 17.24
C LYS B 202 -8.18 -13.48 18.10
N ALA B 203 -8.50 -12.34 17.51
CA ALA B 203 -9.28 -11.32 18.19
C ALA B 203 -10.71 -11.79 18.56
N GLU B 204 -11.19 -11.30 19.70
CA GLU B 204 -12.53 -11.59 20.20
C GLU B 204 -13.61 -10.77 19.49
N ARG B 205 -13.40 -9.45 19.46
CA ARG B 205 -14.32 -8.44 18.91
C ARG B 205 -13.54 -7.13 18.82
N PRO B 206 -13.87 -6.27 17.84
CA PRO B 206 -13.08 -5.05 17.63
C PRO B 206 -12.82 -4.25 18.90
N THR B 207 -11.61 -3.72 19.05
CA THR B 207 -11.33 -2.72 20.07
C THR B 207 -11.94 -1.38 19.66
N LYS B 208 -12.57 -0.69 20.60
CA LYS B 208 -12.97 0.69 20.32
C LYS B 208 -11.87 1.64 20.75
N PHE B 209 -11.58 2.61 19.88
CA PHE B 209 -10.57 3.61 20.16
C PHE B 209 -11.13 5.01 19.92
N ASP B 210 -11.00 5.89 20.93
CA ASP B 210 -11.56 7.25 20.91
C ASP B 210 -10.54 8.33 20.49
N TYR B 211 -10.82 9.07 19.43
CA TYR B 211 -9.91 10.11 18.98
C TYR B 211 -10.64 11.31 18.39
N GLY B 212 -10.37 12.49 18.94
CA GLY B 212 -10.93 13.73 18.44
C GLY B 212 -12.45 13.79 18.43
N GLY B 213 -13.09 13.23 19.44
CA GLY B 213 -14.56 13.19 19.56
C GLY B 213 -15.24 12.01 18.88
N LYS B 214 -14.50 11.34 17.99
CA LYS B 214 -14.99 10.18 17.21
C LYS B 214 -14.57 8.84 17.81
N GLU B 215 -15.36 7.81 17.52
CA GLU B 215 -15.04 6.43 17.90
C GLU B 215 -14.50 5.67 16.69
N TYR B 216 -13.27 5.17 16.81
CA TYR B 216 -12.61 4.36 15.77
C TYR B 216 -12.51 2.92 16.20
N GLU B 217 -11.89 2.10 15.35
CA GLU B 217 -11.94 0.66 15.55
C GLU B 217 -10.73 -0.04 14.97
N PHE B 218 -10.30 -1.11 15.62
CA PHE B 218 -9.37 -2.05 15.03
C PHE B 218 -9.65 -3.42 15.59
N LYS B 219 -9.13 -4.44 14.92
CA LYS B 219 -9.38 -5.82 15.30
C LYS B 219 -8.09 -6.58 15.14
N ALA B 220 -7.45 -6.84 16.26
CA ALA B 220 -6.07 -7.34 16.28
C ALA B 220 -5.95 -8.67 17.03
N GLY B 221 -5.17 -9.59 16.46
CA GLY B 221 -4.92 -10.87 17.09
C GLY B 221 -3.72 -10.82 18.05
N ILE B 222 -3.14 -12.00 18.27
CA ILE B 222 -2.00 -12.14 19.18
C ILE B 222 -1.01 -11.00 18.94
N PHE B 223 -0.82 -10.18 19.98
CA PHE B 223 0.00 -8.98 19.83
C PHE B 223 1.20 -9.00 20.76
N GLY B 224 1.07 -9.68 21.90
CA GLY B 224 2.08 -9.64 22.96
C GLY B 224 2.31 -10.97 23.66
N ILE B 225 3.51 -11.16 24.18
CA ILE B 225 3.92 -12.44 24.78
C ILE B 225 5.07 -12.23 25.77
N THR B 226 4.96 -12.86 26.93
CA THR B 226 5.83 -12.60 28.05
C THR B 226 6.00 -13.90 28.83
N LEU B 227 7.17 -14.10 29.41
CA LEU B 227 7.57 -15.41 29.88
C LEU B 227 7.58 -15.49 31.40
N GLY B 228 6.99 -16.56 31.93
CA GLY B 228 6.94 -16.78 33.36
C GLY B 228 8.17 -17.44 33.94
N ASP B 229 8.03 -17.85 35.20
CA ASP B 229 9.07 -18.57 35.93
C ASP B 229 9.39 -19.95 35.36
N ARG B 230 10.67 -20.25 35.32
CA ARG B 230 11.16 -21.53 34.83
C ARG B 230 11.00 -22.60 35.91
N ASP B 231 10.61 -23.81 35.50
CA ASP B 231 10.73 -24.97 36.37
C ASP B 231 12.15 -25.53 36.23
N SER B 232 12.50 -26.54 37.02
CA SER B 232 13.89 -27.05 37.04
C SER B 232 14.38 -27.54 35.67
N GLU B 233 13.46 -27.97 34.82
CA GLU B 233 13.77 -28.42 33.46
C GLU B 233 13.89 -27.28 32.43
N GLY B 234 13.39 -26.09 32.76
CA GLY B 234 13.58 -24.90 31.91
C GLY B 234 12.34 -24.42 31.17
N ASN B 235 11.26 -25.18 31.27
CA ASN B 235 10.00 -24.79 30.66
C ASN B 235 9.28 -23.78 31.55
N ARG B 236 8.37 -23.02 30.93
CA ARG B 236 7.74 -21.90 31.60
C ARG B 236 6.44 -21.50 30.90
N PRO B 237 5.50 -20.89 31.64
CA PRO B 237 4.31 -20.35 31.03
C PRO B 237 4.63 -19.16 30.16
N ALA B 238 4.11 -19.17 28.95
CA ALA B 238 4.17 -18.02 28.07
C ALA B 238 2.81 -17.32 28.10
N TYR B 239 2.76 -16.18 28.78
CA TYR B 239 1.51 -15.42 28.84
C TYR B 239 1.36 -14.62 27.57
N TYR B 240 0.16 -14.64 27.00
CA TYR B 240 -0.09 -13.88 25.79
C TYR B 240 -1.53 -13.40 25.66
N LEU B 241 -1.70 -12.36 24.84
CA LEU B 241 -3.00 -11.81 24.55
C LEU B 241 -3.15 -11.39 23.08
N ALA B 242 -4.41 -11.36 22.64
CA ALA B 242 -4.77 -10.70 21.42
C ALA B 242 -4.93 -9.21 21.73
N GLY B 243 -4.60 -8.35 20.76
CA GLY B 243 -4.84 -6.93 20.89
C GLY B 243 -6.31 -6.64 21.19
N SER B 244 -7.20 -7.14 20.33
CA SER B 244 -8.62 -6.90 20.53
C SER B 244 -9.25 -8.06 21.27
N ALA B 245 -9.11 -8.03 22.59
CA ALA B 245 -9.52 -9.11 23.47
C ALA B 245 -9.36 -8.68 24.91
N ILE B 246 -10.08 -9.33 25.83
CA ILE B 246 -9.92 -9.05 27.25
C ILE B 246 -9.50 -10.30 28.00
N LYS B 247 -9.43 -11.42 27.28
CA LYS B 247 -8.89 -12.69 27.80
C LYS B 247 -7.38 -12.80 27.68
N VAL B 248 -6.79 -13.56 28.60
CA VAL B 248 -5.35 -13.81 28.63
C VAL B 248 -5.13 -15.32 28.77
N TYR B 249 -4.14 -15.82 28.05
CA TYR B 249 -3.86 -17.23 28.02
C TYR B 249 -2.44 -17.50 28.41
N SER B 250 -2.16 -18.75 28.76
CA SER B 250 -0.80 -19.26 28.82
C SER B 250 -0.73 -20.64 28.16
N VAL B 251 0.34 -20.82 27.41
CA VAL B 251 0.74 -22.09 26.88
C VAL B 251 2.13 -22.32 27.46
N ASN B 252 2.43 -23.57 27.82
CA ASN B 252 3.77 -23.87 28.31
C ASN B 252 4.78 -23.90 27.17
N THR B 253 5.99 -23.40 27.45
CA THR B 253 7.03 -23.32 26.42
C THR B 253 7.46 -24.69 25.93
N LYS B 254 7.19 -25.70 26.77
CA LYS B 254 7.44 -27.09 26.40
C LYS B 254 6.77 -27.43 25.08
N GLU B 255 5.49 -27.06 24.94
CA GLU B 255 4.73 -27.37 23.73
C GLU B 255 5.12 -26.44 22.56
N LEU B 256 5.47 -25.19 22.86
CA LEU B 256 5.95 -24.24 21.84
C LEU B 256 7.24 -24.70 21.17
N LYS B 257 8.12 -25.31 21.96
CA LYS B 257 9.43 -25.72 21.47
C LYS B 257 9.32 -26.96 20.57
N GLN B 258 8.17 -27.61 20.63
CA GLN B 258 7.92 -28.88 19.96
C GLN B 258 7.27 -28.68 18.59
N LYS B 259 8.11 -28.56 17.56
CA LYS B 259 7.70 -28.46 16.15
C LYS B 259 6.69 -29.53 15.72
N GLY B 260 5.57 -29.08 15.16
CA GLY B 260 4.52 -29.98 14.72
C GLY B 260 3.65 -30.56 15.83
N GLY B 261 4.09 -30.43 17.08
CA GLY B 261 3.33 -30.92 18.23
C GLY B 261 2.08 -30.10 18.50
N LYS B 262 1.25 -30.60 19.41
CA LYS B 262 -0.02 -29.94 19.70
C LYS B 262 0.14 -28.85 20.77
N LEU B 263 -0.79 -27.90 20.81
CA LEU B 263 -0.81 -26.81 21.79
C LEU B 263 -2.08 -26.84 22.65
N ASN B 264 -1.92 -26.65 23.97
CA ASN B 264 -3.04 -26.67 24.92
C ASN B 264 -3.10 -25.44 25.84
N PRO B 265 -3.38 -24.25 25.27
CA PRO B 265 -3.43 -23.03 26.08
C PRO B 265 -4.46 -23.10 27.20
N GLU B 266 -4.11 -22.52 28.34
CA GLU B 266 -5.04 -22.39 29.45
C GLU B 266 -5.63 -20.98 29.45
N LEU B 267 -6.95 -20.88 29.54
CA LEU B 267 -7.60 -19.59 29.74
C LEU B 267 -7.42 -19.22 31.20
N LEU B 268 -7.11 -17.95 31.49
CA LEU B 268 -6.76 -17.57 32.86
C LEU B 268 -7.76 -16.87 33.83
N GLY B 269 -8.70 -16.01 33.42
CA GLY B 269 -9.14 -15.81 32.06
C GLY B 269 -9.36 -14.38 31.60
N ASN B 270 -10.11 -13.55 32.34
CA ASN B 270 -10.46 -12.21 31.79
C ASN B 270 -10.24 -10.96 32.67
N ARG B 271 -10.15 -9.79 32.03
CA ARG B 271 -9.68 -8.56 32.68
C ARG B 271 -10.74 -7.44 32.79
N GLY B 272 -11.95 -7.73 32.35
CA GLY B 272 -13.02 -6.75 32.40
C GLY B 272 -13.26 -6.09 31.06
N LYS B 273 -14.46 -5.58 30.86
CA LYS B 273 -14.87 -5.02 29.57
C LYS B 273 -14.08 -3.76 29.18
N TYR B 274 -13.73 -3.69 27.90
CA TYR B 274 -13.07 -2.56 27.24
C TYR B 274 -11.63 -2.24 27.69
N ASN B 275 -10.98 -3.16 28.39
CA ASN B 275 -9.61 -2.92 28.85
C ASN B 275 -8.56 -3.51 27.90
N ASP B 276 -8.90 -3.62 26.62
CA ASP B 276 -7.97 -4.10 25.58
C ASP B 276 -6.55 -3.53 25.72
N ALA B 277 -5.55 -4.38 25.54
CA ALA B 277 -4.15 -3.99 25.63
C ALA B 277 -3.31 -4.74 24.59
N ILE B 278 -2.37 -4.06 23.94
CA ILE B 278 -1.56 -4.71 22.90
C ILE B 278 -0.24 -5.17 23.45
N ALA B 279 0.04 -4.82 24.70
CA ALA B 279 1.30 -5.21 25.34
C ALA B 279 1.19 -5.56 26.84
N LEU B 280 1.94 -6.58 27.23
CA LEU B 280 1.99 -7.08 28.59
C LEU B 280 3.42 -7.45 28.96
N ALA B 281 3.72 -7.47 30.26
CA ALA B 281 5.04 -7.85 30.74
C ALA B 281 4.96 -8.48 32.13
N TYR B 282 5.67 -9.61 32.29
CA TYR B 282 5.68 -10.35 33.52
C TYR B 282 6.87 -9.91 34.36
N ASP B 283 6.62 -9.65 35.64
CA ASP B 283 7.71 -9.35 36.55
C ASP B 283 8.04 -10.58 37.41
N PRO B 284 9.28 -11.11 37.25
CA PRO B 284 9.68 -12.25 38.08
C PRO B 284 9.73 -11.93 39.57
N LYS B 285 9.96 -10.67 39.93
CA LYS B 285 10.09 -10.26 41.34
C LYS B 285 8.79 -10.35 42.14
N THR B 286 7.73 -9.72 41.62
CA THR B 286 6.44 -9.64 42.31
C THR B 286 5.40 -10.64 41.77
N LYS B 287 5.76 -11.32 40.68
CA LYS B 287 4.91 -12.32 40.00
C LYS B 287 3.74 -11.66 39.28
N VAL B 288 3.91 -10.38 38.94
CA VAL B 288 2.82 -9.58 38.39
C VAL B 288 2.96 -9.43 36.88
N ILE B 289 1.81 -9.48 36.19
CA ILE B 289 1.77 -9.06 34.80
C ILE B 289 1.21 -7.64 34.76
N PHE B 290 1.85 -6.78 33.95
CA PHE B 290 1.41 -5.40 33.77
C PHE B 290 0.95 -5.23 32.34
N PHE B 291 -0.07 -4.40 32.15
CA PHE B 291 -0.74 -4.25 30.86
C PHE B 291 -0.74 -2.80 30.41
N ALA B 292 -0.23 -2.55 29.21
CA ALA B 292 -0.31 -1.21 28.68
C ALA B 292 -1.55 -1.15 27.80
N GLU B 293 -2.63 -0.58 28.33
CA GLU B 293 -3.94 -0.63 27.67
C GLU B 293 -4.16 0.40 26.56
N ALA B 294 -5.11 0.09 25.68
CA ALA B 294 -5.32 0.79 24.41
C ALA B 294 -6.16 2.07 24.50
N ASN B 295 -7.21 2.05 25.30
CA ASN B 295 -8.23 3.11 25.26
C ASN B 295 -8.55 3.69 26.62
N THR B 296 -8.08 3.02 27.66
CA THR B 296 -8.44 3.37 29.03
C THR B 296 -7.53 4.42 29.63
N LYS B 297 -6.43 4.71 28.94
CA LYS B 297 -5.39 5.62 29.42
C LYS B 297 -4.70 5.15 30.69
N GLN B 298 -4.78 3.84 30.96
CA GLN B 298 -4.18 3.25 32.16
C GLN B 298 -3.19 2.11 31.92
N VAL B 299 -2.34 1.89 32.92
CA VAL B 299 -1.51 0.69 32.97
C VAL B 299 -2.04 -0.12 34.12
N SER B 300 -2.47 -1.34 33.83
CA SER B 300 -3.08 -2.20 34.85
C SER B 300 -2.14 -3.35 35.21
N CYS B 301 -2.53 -4.11 36.23
CA CYS B 301 -1.72 -5.20 36.75
C CYS B 301 -2.56 -6.39 37.22
N TRP B 302 -1.94 -7.57 37.17
CA TRP B 302 -2.52 -8.79 37.74
C TRP B 302 -1.43 -9.65 38.31
N ASN B 303 -1.49 -9.87 39.63
CA ASN B 303 -0.65 -10.85 40.28
C ASN B 303 -1.08 -12.24 39.86
N THR B 304 -0.18 -12.94 39.18
CA THR B 304 -0.43 -14.29 38.65
C THR B 304 -0.88 -15.33 39.69
N GLN B 305 -0.67 -15.03 40.97
CA GLN B 305 -0.95 -15.95 42.06
C GLN B 305 -2.36 -15.78 42.68
N LYS B 306 -3.13 -14.86 42.12
CA LYS B 306 -4.55 -14.69 42.48
C LYS B 306 -5.39 -15.23 41.33
N MET B 307 -5.78 -16.49 41.46
CA MET B 307 -6.56 -17.17 40.44
C MET B 307 -8.02 -17.23 40.83
N PRO B 308 -8.92 -17.14 39.83
CA PRO B 308 -8.61 -16.94 38.42
C PRO B 308 -8.49 -15.45 38.08
N LEU B 309 -8.14 -15.13 36.83
CA LEU B 309 -8.06 -13.75 36.38
C LEU B 309 -9.44 -13.17 36.08
N ARG B 310 -9.89 -12.27 36.96
CA ARG B 310 -11.08 -11.44 36.75
C ARG B 310 -10.71 -10.02 37.12
N MET B 311 -11.48 -9.06 36.64
CA MET B 311 -11.24 -7.65 36.91
C MET B 311 -11.08 -7.37 38.42
N LYS B 312 -11.94 -7.96 39.23
CA LYS B 312 -11.82 -7.91 40.70
C LYS B 312 -10.42 -8.24 41.24
N ASN B 313 -9.67 -9.06 40.49
CA ASN B 313 -8.29 -9.42 40.87
C ASN B 313 -7.21 -8.63 40.12
N THR B 314 -7.61 -7.51 39.52
CA THR B 314 -6.66 -6.60 38.87
C THR B 314 -6.75 -5.23 39.49
N ASP B 315 -5.78 -4.38 39.16
CA ASP B 315 -5.74 -3.00 39.65
C ASP B 315 -5.10 -2.06 38.62
N VAL B 316 -4.98 -0.80 38.97
CA VAL B 316 -4.36 0.18 38.10
C VAL B 316 -3.15 0.74 38.81
N VAL B 317 -2.03 0.87 38.09
CA VAL B 317 -0.79 1.37 38.66
C VAL B 317 -0.38 2.70 38.04
N TYR B 318 -1.05 3.06 36.96
CA TYR B 318 -0.80 4.36 36.31
C TYR B 318 -2.04 4.84 35.56
N THR B 319 -2.38 6.11 35.78
CA THR B 319 -3.42 6.76 35.03
C THR B 319 -2.95 8.16 34.63
N SER B 320 -3.18 8.52 33.38
CA SER B 320 -2.92 9.88 32.87
C SER B 320 -3.72 10.04 31.59
N SER B 321 -4.48 11.13 31.51
CA SER B 321 -5.31 11.40 30.35
C SER B 321 -4.50 11.57 29.06
N ARG B 322 -3.18 11.68 29.18
CA ARG B 322 -2.30 11.88 28.02
C ARG B 322 -1.64 10.59 27.56
N PHE B 323 -1.91 9.52 28.29
CA PHE B 323 -1.38 8.23 27.96
C PHE B 323 -2.23 7.64 26.84
N VAL B 324 -2.14 8.23 25.65
CA VAL B 324 -3.01 7.81 24.57
C VAL B 324 -2.38 6.70 23.77
N PHE B 325 -3.03 5.54 23.86
CA PHE B 325 -2.66 4.28 23.23
C PHE B 325 -1.34 3.67 23.72
N GLY B 326 -1.43 2.93 24.81
CA GLY B 326 -0.30 2.19 25.33
C GLY B 326 0.12 1.26 24.22
N THR B 327 1.41 1.25 23.95
CA THR B 327 1.92 0.47 22.85
C THR B 327 3.06 -0.49 23.22
N ASP B 328 3.67 -0.30 24.38
CA ASP B 328 4.76 -1.16 24.82
C ASP B 328 4.93 -1.04 26.34
N ILE B 329 5.46 -2.09 26.95
CA ILE B 329 5.69 -2.19 28.38
C ILE B 329 6.69 -3.31 28.63
N SER B 330 7.68 -3.03 29.48
CA SER B 330 8.61 -4.05 29.93
C SER B 330 9.09 -3.73 31.33
N VAL B 331 9.78 -4.68 31.96
CA VAL B 331 10.46 -4.42 33.22
C VAL B 331 11.94 -4.64 32.99
N ASP B 332 12.76 -3.73 33.48
CA ASP B 332 14.16 -3.73 33.13
C ASP B 332 14.98 -4.59 34.11
N SER B 333 16.27 -4.69 33.87
CA SER B 333 17.21 -5.50 34.68
C SER B 333 17.17 -5.27 36.18
N LYS B 334 16.81 -4.06 36.60
CA LYS B 334 16.77 -3.70 38.01
C LYS B 334 15.34 -3.57 38.54
N GLY B 335 14.38 -4.17 37.83
CA GLY B 335 12.99 -4.15 38.28
C GLY B 335 12.22 -2.88 37.97
N GLY B 336 12.78 -1.98 37.17
CA GLY B 336 12.05 -0.78 36.73
C GLY B 336 10.92 -1.16 35.79
N LEU B 337 9.76 -0.54 35.98
CA LEU B 337 8.63 -0.82 35.11
C LEU B 337 8.48 0.36 34.17
N TRP B 338 8.55 0.06 32.87
CA TRP B 338 8.51 1.07 31.82
C TRP B 338 7.30 0.84 30.94
N PHE B 339 6.66 1.90 30.50
CA PHE B 339 5.50 1.78 29.62
C PHE B 339 5.46 2.97 28.65
N MET B 340 4.98 2.72 27.44
CA MET B 340 5.00 3.71 26.39
C MET B 340 3.64 3.85 25.69
N SER B 341 3.32 5.09 25.35
CA SER B 341 2.20 5.41 24.49
C SER B 341 2.70 6.30 23.36
N ASN B 342 1.97 6.30 22.25
CA ASN B 342 2.42 7.02 21.07
C ASN B 342 1.25 7.46 20.20
N GLY B 343 0.04 7.28 20.72
CA GLY B 343 -1.19 7.62 19.98
C GLY B 343 -1.29 7.00 18.60
N PHE B 344 -0.76 5.80 18.41
CA PHE B 344 -0.67 5.18 17.09
C PHE B 344 -1.26 3.76 16.99
N PRO B 345 -2.60 3.64 17.15
CA PRO B 345 -3.24 2.32 17.07
C PRO B 345 -3.24 1.79 15.64
N PRO B 346 -3.42 0.46 15.46
CA PRO B 346 -3.32 -0.07 14.09
C PRO B 346 -4.61 0.16 13.32
N ILE B 347 -4.81 1.42 13.01
CA ILE B 347 -5.98 1.89 12.34
C ILE B 347 -5.51 2.68 11.12
N ARG B 348 -6.22 2.57 10.02
CA ARG B 348 -5.83 3.22 8.78
C ARG B 348 -5.82 4.73 9.00
N LYS B 349 -4.72 5.38 8.61
CA LYS B 349 -4.56 6.84 8.70
C LYS B 349 -4.05 7.33 10.06
N SER B 350 -3.92 6.41 11.01
CA SER B 350 -3.56 6.76 12.40
C SER B 350 -2.22 7.49 12.55
N GLU B 351 -1.35 7.38 11.54
CA GLU B 351 -0.08 8.12 11.51
C GLU B 351 -0.27 9.63 11.54
N LYS B 352 -1.44 10.09 11.11
CA LYS B 352 -1.73 11.52 11.05
C LYS B 352 -2.68 11.98 12.16
N PHE B 353 -2.98 11.11 13.11
CA PHE B 353 -3.54 11.55 14.39
C PHE B 353 -2.57 12.53 15.05
N LYS B 354 -3.07 13.66 15.55
CA LYS B 354 -2.22 14.58 16.28
C LYS B 354 -2.82 14.92 17.63
N TYR B 355 -1.99 15.47 18.51
CA TYR B 355 -2.39 15.67 19.88
C TYR B 355 -1.93 17.01 20.40
N ASP B 356 -2.72 17.56 21.34
CA ASP B 356 -2.46 18.86 21.94
C ASP B 356 -1.36 18.78 23.01
N PHE B 357 -0.75 17.60 23.13
CA PHE B 357 0.31 17.34 24.08
C PHE B 357 1.30 16.43 23.38
N PRO B 358 2.54 16.36 23.90
CA PRO B 358 3.57 15.44 23.40
C PRO B 358 3.03 14.02 23.18
N ARG B 359 3.16 13.54 21.95
CA ARG B 359 2.54 12.29 21.48
C ARG B 359 3.24 11.02 22.00
N TYR B 360 4.57 11.01 21.93
CA TYR B 360 5.40 9.88 22.42
C TYR B 360 5.77 10.03 23.88
N ARG B 361 5.47 9.01 24.67
CA ARG B 361 5.53 9.14 26.10
C ARG B 361 6.04 7.89 26.73
N LEU B 362 7.21 8.00 27.35
CA LEU B 362 7.80 6.84 28.00
C LEU B 362 8.00 7.13 29.50
N MET B 363 7.37 6.34 30.36
CA MET B 363 7.51 6.54 31.82
C MET B 363 8.14 5.35 32.50
N ARG B 364 8.89 5.61 33.56
CA ARG B 364 9.34 4.55 34.45
C ARG B 364 8.78 4.77 35.83
N ILE B 365 8.19 3.72 36.40
CA ILE B 365 8.02 3.67 37.84
C ILE B 365 9.25 2.95 38.41
N MET B 366 9.93 3.60 39.36
CA MET B 366 11.26 3.20 39.88
C MET B 366 11.51 1.70 40.02
N ASP B 367 10.56 0.98 40.62
CA ASP B 367 10.60 -0.48 40.59
C ASP B 367 9.20 -1.05 40.69
N THR B 368 9.08 -2.34 40.36
CA THR B 368 7.78 -3.01 40.33
C THR B 368 7.07 -3.10 41.68
N GLN B 369 7.83 -3.16 42.77
CA GLN B 369 7.20 -3.29 44.11
C GLN B 369 6.54 -1.98 44.49
N GLU B 370 7.22 -0.86 44.23
CA GLU B 370 6.65 0.47 44.39
C GLU B 370 5.35 0.64 43.57
N ALA B 371 5.34 0.13 42.34
CA ALA B 371 4.18 0.22 41.46
C ALA B 371 2.92 -0.39 42.05
N ILE B 372 3.06 -1.50 42.77
CA ILE B 372 1.89 -2.23 43.26
C ILE B 372 1.53 -1.99 44.72
N ALA B 373 2.40 -1.32 45.47
CA ALA B 373 2.19 -1.11 46.91
C ALA B 373 0.76 -0.66 47.21
N GLY B 374 0.08 -1.40 48.10
CA GLY B 374 -1.27 -1.06 48.52
C GLY B 374 -2.35 -1.32 47.49
N THR B 375 -2.02 -2.00 46.39
CA THR B 375 -3.01 -2.34 45.38
C THR B 375 -3.38 -3.81 45.52
N ALA B 376 -4.44 -4.22 44.82
CA ALA B 376 -4.84 -5.61 44.73
C ALA B 376 -3.71 -6.52 44.22
N CYS B 377 -2.63 -5.91 43.74
CA CYS B 377 -1.57 -6.68 43.14
C CYS B 377 -0.46 -7.02 44.15
N ASP B 378 -0.54 -6.47 45.37
CA ASP B 378 0.30 -6.87 46.53
C ASP B 378 -0.11 -8.24 47.13
N MET B 379 0.69 -8.78 48.06
CA MET B 379 0.45 -10.16 48.56
C MET B 379 0.18 -10.43 50.07
N ASN B 380 -0.76 -9.76 50.76
CA ASN B 380 -1.50 -8.57 50.37
C ASN B 380 -0.87 -7.34 51.07
N ALA B 381 0.20 -7.58 51.82
CA ALA B 381 0.91 -6.53 52.54
C ALA B 381 2.42 -6.77 52.57
C1 CIT C . 6.57 -8.82 1.36
O1 CIT C . 7.23 -8.10 0.57
O2 CIT C . 5.75 -8.30 2.14
C2 CIT C . 6.76 -10.33 1.36
C3 CIT C . 6.12 -10.86 0.09
O7 CIT C . 5.32 -9.78 -0.45
C4 CIT C . 5.17 -12.02 0.37
C5 CIT C . 4.10 -11.65 1.39
O3 CIT C . 3.56 -12.53 2.09
O4 CIT C . 3.75 -10.47 1.54
C6 CIT C . 7.23 -11.22 -0.93
O5 CIT C . 7.36 -12.37 -1.42
O6 CIT C . 8.06 -10.35 -1.29
OH SRO D . -9.42 5.58 -19.79
CZ3 SRO D . -10.71 5.13 -19.66
CH2 SRO D . -11.17 4.19 -20.60
CZ2 SRO D . -12.49 3.72 -20.48
CE2 SRO D . -13.27 4.24 -19.43
NE1 SRO D . -14.54 4.03 -19.00
CD1 SRO D . -14.80 4.79 -17.90
CG SRO D . -13.67 5.53 -17.60
CD2 SRO D . -12.70 5.18 -18.56
CE3 SRO D . -11.46 5.59 -18.70
CB SRO D . -13.55 6.49 -16.45
CA SRO D . -13.43 7.92 -16.97
NZ SRO D . -12.40 8.62 -16.25
C1 CIT E . -17.87 -15.42 33.23
O1 CIT E . -16.88 -15.64 32.51
O2 CIT E . -18.61 -16.37 33.58
C2 CIT E . -18.17 -14.01 33.69
C3 CIT E . -17.41 -13.69 34.96
O7 CIT E . -16.05 -14.10 34.68
C4 CIT E . -17.97 -14.50 36.12
C5 CIT E . -17.20 -14.17 37.37
O3 CIT E . -16.45 -15.03 37.89
O4 CIT E . -17.31 -13.04 37.90
C6 CIT E . -17.44 -12.20 35.27
O5 CIT E . -16.37 -11.57 35.43
O6 CIT E . -18.52 -11.57 35.40
OH SRO F . 4.64 -2.10 20.38
CZ3 SRO F . 4.35 -2.42 19.07
CH2 SRO F . 4.98 -3.52 18.47
CZ2 SRO F . 4.70 -3.83 17.14
CE2 SRO F . 3.77 -3.02 16.46
NE1 SRO F . 3.23 -3.00 15.21
CD1 SRO F . 2.36 -1.95 15.10
CG SRO F . 2.32 -1.27 16.30
CD2 SRO F . 3.20 -1.95 17.16
CE3 SRO F . 3.50 -1.68 18.41
CB SRO F . 1.45 -0.06 16.59
CA SRO F . 2.27 1.05 17.23
NZ SRO F . 1.57 1.65 18.34
#